data_3KUJ
# 
_entry.id   3KUJ 
# 
_audit_conform.dict_name       mmcif_pdbx.dic 
_audit_conform.dict_version    5.378 
_audit_conform.dict_location   http://mmcif.pdb.org/dictionaries/ascii/mmcif_pdbx.dic 
# 
loop_
_database_2.database_id 
_database_2.database_code 
_database_2.pdbx_database_accession 
_database_2.pdbx_DOI 
PDB   3KUJ         pdb_00003kuj 10.2210/pdb3kuj/pdb 
RCSB  RCSB056464   ?            ?                   
WWPDB D_1000056464 ?            ?                   
# 
_pdbx_database_related.db_name        PDB 
_pdbx_database_related.db_id          3KUI 
_pdbx_database_related.details        . 
_pdbx_database_related.content_type   unspecified 
# 
_pdbx_database_status.status_code                     REL 
_pdbx_database_status.entry_id                        3KUJ 
_pdbx_database_status.recvd_initial_deposition_date   2009-11-27 
_pdbx_database_status.deposit_site                    RCSB 
_pdbx_database_status.process_site                    RCSB 
_pdbx_database_status.status_code_sf                  REL 
_pdbx_database_status.status_code_mr                  ? 
_pdbx_database_status.SG_entry                        ? 
_pdbx_database_status.pdb_format_compatible           Y 
_pdbx_database_status.status_code_cs                  ? 
_pdbx_database_status.status_code_nmr_data            ? 
_pdbx_database_status.methods_development_category    ? 
# 
loop_
_audit_author.name 
_audit_author.pdbx_ordinal 
'Kozlov, G.'  1 
'Gehring, K.' 2 
# 
_citation.id                        primary 
_citation.title                     'Molecular basis of eRF3 recognition by the MLLE domain of poly(A)-binding protein.' 
_citation.journal_abbrev            'Plos One' 
_citation.journal_volume            5 
_citation.page_first                e10169 
_citation.page_last                 e10169 
_citation.year                      2010 
_citation.journal_id_ASTM           ? 
_citation.country                   US 
_citation.journal_id_ISSN           1932-6203 
_citation.journal_id_CSD            ? 
_citation.book_publisher            ? 
_citation.pdbx_database_id_PubMed   20418951 
_citation.pdbx_database_id_DOI      10.1371/journal.pone.0010169 
# 
loop_
_citation_author.citation_id 
_citation_author.name 
_citation_author.ordinal 
_citation_author.identifier_ORCID 
primary 'Kozlov, G.'  1 ? 
primary 'Gehring, K.' 2 ? 
# 
_cell.entry_id           3KUJ 
_cell.length_a           45.217 
_cell.length_b           50.802 
_cell.length_c           32.121 
_cell.angle_alpha        90.00 
_cell.angle_beta         90.00 
_cell.angle_gamma        90.00 
_cell.Z_PDB              4 
_cell.pdbx_unique_axis   ? 
_cell.length_a_esd       ? 
_cell.length_b_esd       ? 
_cell.length_c_esd       ? 
_cell.angle_alpha_esd    ? 
_cell.angle_beta_esd     ? 
_cell.angle_gamma_esd    ? 
# 
_symmetry.entry_id                         3KUJ 
_symmetry.space_group_name_H-M             'P 21 21 2' 
_symmetry.pdbx_full_space_group_name_H-M   ? 
_symmetry.cell_setting                     ? 
_symmetry.Int_Tables_number                18 
_symmetry.space_group_name_Hall            ? 
# 
loop_
_entity.id 
_entity.type 
_entity.src_method 
_entity.pdbx_description 
_entity.formula_weight 
_entity.pdbx_number_of_molecules 
_entity.pdbx_ec 
_entity.pdbx_mutation 
_entity.pdbx_fragment 
_entity.details 
1 polymer     man 'Polyadenylate-binding protein 1' 9421.909 1  ? ? 'C-terminal domain'     ? 
2 polymer     syn 'GSPT1 protein'                   1674.913 1  ? ? 'PABPC1-binding region' ? 
3 non-polymer syn 'SULFATE ION'                     96.063   2  ? ? ?                       ? 
4 water       nat water                             18.015   53 ? ? ?                       ? 
# 
_entity_name_com.entity_id   1 
_entity_name_com.name        'Poly(A)-binding protein 1, PABP 1' 
# 
loop_
_entity_poly.entity_id 
_entity_poly.type 
_entity_poly.nstd_linkage 
_entity_poly.nstd_monomer 
_entity_poly.pdbx_seq_one_letter_code 
_entity_poly.pdbx_seq_one_letter_code_can 
_entity_poly.pdbx_strand_id 
_entity_poly.pdbx_target_identifier 
1 'polypeptide(L)' no no 
;GPLGSPLTASMLASAPPQEQKQMLGERLFPLIQAMHPTLAGKITGMLLEIDNSELLHMLESPESLRSKVDEAVAVLQAHQ
AKEAAQKA
;
;GPLGSPLTASMLASAPPQEQKQMLGERLFPLIQAMHPTLAGKITGMLLEIDNSELLHMLESPESLRSKVDEAVAVLQAHQ
AKEAAQKA
;
A ? 
2 'polypeptide(L)' no no FVPNVHAAEFVPSFL                                                                             
FVPNVHAAEFVPSFL                                                                             B ? 
# 
loop_
_entity_poly_seq.entity_id 
_entity_poly_seq.num 
_entity_poly_seq.mon_id 
_entity_poly_seq.hetero 
1 1  GLY n 
1 2  PRO n 
1 3  LEU n 
1 4  GLY n 
1 5  SER n 
1 6  PRO n 
1 7  LEU n 
1 8  THR n 
1 9  ALA n 
1 10 SER n 
1 11 MET n 
1 12 LEU n 
1 13 ALA n 
1 14 SER n 
1 15 ALA n 
1 16 PRO n 
1 17 PRO n 
1 18 GLN n 
1 19 GLU n 
1 20 GLN n 
1 21 LYS n 
1 22 GLN n 
1 23 MET n 
1 24 LEU n 
1 25 GLY n 
1 26 GLU n 
1 27 ARG n 
1 28 LEU n 
1 29 PHE n 
1 30 PRO n 
1 31 LEU n 
1 32 ILE n 
1 33 GLN n 
1 34 ALA n 
1 35 MET n 
1 36 HIS n 
1 37 PRO n 
1 38 THR n 
1 39 LEU n 
1 40 ALA n 
1 41 GLY n 
1 42 LYS n 
1 43 ILE n 
1 44 THR n 
1 45 GLY n 
1 46 MET n 
1 47 LEU n 
1 48 LEU n 
1 49 GLU n 
1 50 ILE n 
1 51 ASP n 
1 52 ASN n 
1 53 SER n 
1 54 GLU n 
1 55 LEU n 
1 56 LEU n 
1 57 HIS n 
1 58 MET n 
1 59 LEU n 
1 60 GLU n 
1 61 SER n 
1 62 PRO n 
1 63 GLU n 
1 64 SER n 
1 65 LEU n 
1 66 ARG n 
1 67 SER n 
1 68 LYS n 
1 69 VAL n 
1 70 ASP n 
1 71 GLU n 
1 72 ALA n 
1 73 VAL n 
1 74 ALA n 
1 75 VAL n 
1 76 LEU n 
1 77 GLN n 
1 78 ALA n 
1 79 HIS n 
1 80 GLN n 
1 81 ALA n 
1 82 LYS n 
1 83 GLU n 
1 84 ALA n 
1 85 ALA n 
1 86 GLN n 
1 87 LYS n 
1 88 ALA n 
2 1  PHE n 
2 2  VAL n 
2 3  PRO n 
2 4  ASN n 
2 5  VAL n 
2 6  HIS n 
2 7  ALA n 
2 8  ALA n 
2 9  GLU n 
2 10 PHE n 
2 11 VAL n 
2 12 PRO n 
2 13 SER n 
2 14 PHE n 
2 15 LEU n 
# 
_entity_src_gen.entity_id                          1 
_entity_src_gen.pdbx_src_id                        1 
_entity_src_gen.pdbx_alt_source_flag               sample 
_entity_src_gen.pdbx_seq_type                      ? 
_entity_src_gen.pdbx_beg_seq_num                   ? 
_entity_src_gen.pdbx_end_seq_num                   ? 
_entity_src_gen.gene_src_common_name               human 
_entity_src_gen.gene_src_genus                     ? 
_entity_src_gen.pdbx_gene_src_gene                 'PABPC1, PAB1, PABP1, PABPC2' 
_entity_src_gen.gene_src_species                   ? 
_entity_src_gen.gene_src_strain                    ? 
_entity_src_gen.gene_src_tissue                    ? 
_entity_src_gen.gene_src_tissue_fraction           ? 
_entity_src_gen.gene_src_details                   ? 
_entity_src_gen.pdbx_gene_src_fragment             ? 
_entity_src_gen.pdbx_gene_src_scientific_name      'Homo sapiens' 
_entity_src_gen.pdbx_gene_src_ncbi_taxonomy_id     9606 
_entity_src_gen.pdbx_gene_src_variant              ? 
_entity_src_gen.pdbx_gene_src_cell_line            ? 
_entity_src_gen.pdbx_gene_src_atcc                 ? 
_entity_src_gen.pdbx_gene_src_organ                ? 
_entity_src_gen.pdbx_gene_src_organelle            ? 
_entity_src_gen.pdbx_gene_src_cell                 ? 
_entity_src_gen.pdbx_gene_src_cellular_location    ? 
_entity_src_gen.host_org_common_name               ? 
_entity_src_gen.pdbx_host_org_scientific_name      'Escherichia coli' 
_entity_src_gen.pdbx_host_org_ncbi_taxonomy_id     562 
_entity_src_gen.host_org_genus                     ? 
_entity_src_gen.pdbx_host_org_gene                 ? 
_entity_src_gen.pdbx_host_org_organ                ? 
_entity_src_gen.host_org_species                   ? 
_entity_src_gen.pdbx_host_org_tissue               ? 
_entity_src_gen.pdbx_host_org_tissue_fraction      ? 
_entity_src_gen.pdbx_host_org_strain               BL21 
_entity_src_gen.pdbx_host_org_variant              ? 
_entity_src_gen.pdbx_host_org_cell_line            ? 
_entity_src_gen.pdbx_host_org_atcc                 ? 
_entity_src_gen.pdbx_host_org_culture_collection   ? 
_entity_src_gen.pdbx_host_org_cell                 ? 
_entity_src_gen.pdbx_host_org_organelle            ? 
_entity_src_gen.pdbx_host_org_cellular_location    ? 
_entity_src_gen.pdbx_host_org_vector_type          plasmid 
_entity_src_gen.pdbx_host_org_vector               ? 
_entity_src_gen.host_org_details                   ? 
_entity_src_gen.expression_system_id               ? 
_entity_src_gen.plasmid_name                       pGEX-6P-1 
_entity_src_gen.plasmid_details                    ? 
_entity_src_gen.pdbx_description                   ? 
# 
_pdbx_entity_src_syn.entity_id              2 
_pdbx_entity_src_syn.pdbx_src_id            1 
_pdbx_entity_src_syn.pdbx_alt_source_flag   sample 
_pdbx_entity_src_syn.pdbx_beg_seq_num       ? 
_pdbx_entity_src_syn.pdbx_end_seq_num       ? 
_pdbx_entity_src_syn.organism_scientific    'Homo sapiens' 
_pdbx_entity_src_syn.organism_common_name   human 
_pdbx_entity_src_syn.ncbi_taxonomy_id       9606 
_pdbx_entity_src_syn.details                'chemically synthesized' 
# 
loop_
_struct_ref.id 
_struct_ref.db_name 
_struct_ref.db_code 
_struct_ref.pdbx_db_accession 
_struct_ref.entity_id 
_struct_ref.pdbx_seq_one_letter_code 
_struct_ref.pdbx_align_begin 
_struct_ref.pdbx_db_isoform 
1 UNP PABP1_HUMAN  P11940 1 
;PLTASMLASAPPQEQKQMLGERLFPLIQAMHPTLAGKITGMLLEIDNSELLHMLESPESLRSKVDEAVAVLQAHQAKEAA
QKA
;
544 ? 
2 UNP Q96GF2_HUMAN Q96GF2 2 FVPNVHAAEFVPSFL                                                                        73  ? 
# 
loop_
_struct_ref_seq.align_id 
_struct_ref_seq.ref_id 
_struct_ref_seq.pdbx_PDB_id_code 
_struct_ref_seq.pdbx_strand_id 
_struct_ref_seq.seq_align_beg 
_struct_ref_seq.pdbx_seq_align_beg_ins_code 
_struct_ref_seq.seq_align_end 
_struct_ref_seq.pdbx_seq_align_end_ins_code 
_struct_ref_seq.pdbx_db_accession 
_struct_ref_seq.db_align_beg 
_struct_ref_seq.pdbx_db_align_beg_ins_code 
_struct_ref_seq.db_align_end 
_struct_ref_seq.pdbx_db_align_end_ins_code 
_struct_ref_seq.pdbx_auth_seq_align_beg 
_struct_ref_seq.pdbx_auth_seq_align_end 
1 1 3KUJ A 6 ? 88 ? P11940 544 ? 626 ? 544 626 
2 2 3KUJ B 1 ? 15 ? Q96GF2 73  ? 87  ? 76  90  
# 
loop_
_struct_ref_seq_dif.align_id 
_struct_ref_seq_dif.pdbx_pdb_id_code 
_struct_ref_seq_dif.mon_id 
_struct_ref_seq_dif.pdbx_pdb_strand_id 
_struct_ref_seq_dif.seq_num 
_struct_ref_seq_dif.pdbx_pdb_ins_code 
_struct_ref_seq_dif.pdbx_seq_db_name 
_struct_ref_seq_dif.pdbx_seq_db_accession_code 
_struct_ref_seq_dif.db_mon_id 
_struct_ref_seq_dif.pdbx_seq_db_seq_num 
_struct_ref_seq_dif.details 
_struct_ref_seq_dif.pdbx_auth_seq_num 
_struct_ref_seq_dif.pdbx_ordinal 
1 3KUJ GLY A 1 ? UNP P11940 ? ? 'expression tag' 539 1 
1 3KUJ PRO A 2 ? UNP P11940 ? ? 'expression tag' 540 2 
1 3KUJ LEU A 3 ? UNP P11940 ? ? 'expression tag' 541 3 
1 3KUJ GLY A 4 ? UNP P11940 ? ? 'expression tag' 542 4 
1 3KUJ SER A 5 ? UNP P11940 ? ? 'expression tag' 543 5 
# 
loop_
_chem_comp.id 
_chem_comp.type 
_chem_comp.mon_nstd_flag 
_chem_comp.name 
_chem_comp.pdbx_synonyms 
_chem_comp.formula 
_chem_comp.formula_weight 
ALA 'L-peptide linking' y ALANINE         ? 'C3 H7 N O2'     89.093  
ARG 'L-peptide linking' y ARGININE        ? 'C6 H15 N4 O2 1' 175.209 
ASN 'L-peptide linking' y ASPARAGINE      ? 'C4 H8 N2 O3'    132.118 
ASP 'L-peptide linking' y 'ASPARTIC ACID' ? 'C4 H7 N O4'     133.103 
GLN 'L-peptide linking' y GLUTAMINE       ? 'C5 H10 N2 O3'   146.144 
GLU 'L-peptide linking' y 'GLUTAMIC ACID' ? 'C5 H9 N O4'     147.129 
GLY 'peptide linking'   y GLYCINE         ? 'C2 H5 N O2'     75.067  
HIS 'L-peptide linking' y HISTIDINE       ? 'C6 H10 N3 O2 1' 156.162 
HOH non-polymer         . WATER           ? 'H2 O'           18.015  
ILE 'L-peptide linking' y ISOLEUCINE      ? 'C6 H13 N O2'    131.173 
LEU 'L-peptide linking' y LEUCINE         ? 'C6 H13 N O2'    131.173 
LYS 'L-peptide linking' y LYSINE          ? 'C6 H15 N2 O2 1' 147.195 
MET 'L-peptide linking' y METHIONINE      ? 'C5 H11 N O2 S'  149.211 
PHE 'L-peptide linking' y PHENYLALANINE   ? 'C9 H11 N O2'    165.189 
PRO 'L-peptide linking' y PROLINE         ? 'C5 H9 N O2'     115.130 
SER 'L-peptide linking' y SERINE          ? 'C3 H7 N O3'     105.093 
SO4 non-polymer         . 'SULFATE ION'   ? 'O4 S -2'        96.063  
THR 'L-peptide linking' y THREONINE       ? 'C4 H9 N O3'     119.119 
VAL 'L-peptide linking' y VALINE          ? 'C5 H11 N O2'    117.146 
# 
_exptl.entry_id          3KUJ 
_exptl.method            'X-RAY DIFFRACTION' 
_exptl.crystals_number   1 
# 
_exptl_crystal.id                    1 
_exptl_crystal.density_meas          ? 
_exptl_crystal.density_Matthews      1.66 
_exptl_crystal.density_percent_sol   26.01 
_exptl_crystal.description           ? 
_exptl_crystal.F_000                 ? 
_exptl_crystal.preparation           ? 
# 
_exptl_crystal_grow.crystal_id      1 
_exptl_crystal_grow.method          'VAPOR DIFFUSION, HANGING DROP' 
_exptl_crystal_grow.temp            295 
_exptl_crystal_grow.temp_details    ? 
_exptl_crystal_grow.pH              4.0 
_exptl_crystal_grow.pdbx_details    
'1.4M ammonium sulfate, 0.1M citric acid, pH 4.0, VAPOR DIFFUSION, HANGING DROP, temperature 295K' 
_exptl_crystal_grow.pdbx_pH_range   ? 
# 
_diffrn.id                     1 
_diffrn.ambient_temp           100 
_diffrn.ambient_temp_details   ? 
_diffrn.crystal_id             1 
# 
_diffrn_detector.diffrn_id              1 
_diffrn_detector.detector               CCD 
_diffrn_detector.type                   'ADSC QUANTUM 210' 
_diffrn_detector.pdbx_collection_date   2008-11-29 
_diffrn_detector.details                mirrors 
# 
_diffrn_radiation.diffrn_id                        1 
_diffrn_radiation.wavelength_id                    1 
_diffrn_radiation.pdbx_monochromatic_or_laue_m_l   M 
_diffrn_radiation.monochromator                    'Si 111 CHANNEL' 
_diffrn_radiation.pdbx_diffrn_protocol             'SINGLE WAVELENGTH' 
_diffrn_radiation.pdbx_scattering_type             x-ray 
# 
_diffrn_radiation_wavelength.id           1 
_diffrn_radiation_wavelength.wavelength   0.9780 
_diffrn_radiation_wavelength.wt           1.0 
# 
_diffrn_source.diffrn_id                   1 
_diffrn_source.source                      SYNCHROTRON 
_diffrn_source.type                        'CHESS BEAMLINE F2' 
_diffrn_source.pdbx_synchrotron_site       CHESS 
_diffrn_source.pdbx_synchrotron_beamline   F2 
_diffrn_source.pdbx_wavelength             ? 
_diffrn_source.pdbx_wavelength_list        0.9780 
# 
_reflns.entry_id                     3KUJ 
_reflns.observed_criterion_sigma_I   1 
_reflns.observed_criterion_sigma_F   1 
_reflns.d_resolution_low             50 
_reflns.d_resolution_high            1.40 
_reflns.number_obs                   14231 
_reflns.number_all                   14288 
_reflns.percent_possible_obs         99.6 
_reflns.pdbx_Rmerge_I_obs            0.074 
_reflns.pdbx_Rsym_value              ? 
_reflns.pdbx_netI_over_sigmaI        19.2 
_reflns.B_iso_Wilson_estimate        ? 
_reflns.pdbx_redundancy              7.5 
_reflns.R_free_details               ? 
_reflns.limit_h_max                  ? 
_reflns.limit_h_min                  ? 
_reflns.limit_k_max                  ? 
_reflns.limit_k_min                  ? 
_reflns.limit_l_max                  ? 
_reflns.limit_l_min                  ? 
_reflns.observed_criterion_F_max     ? 
_reflns.observed_criterion_F_min     ? 
_reflns.pdbx_chi_squared             ? 
_reflns.pdbx_scaling_rejects         ? 
_reflns.pdbx_ordinal                 1 
_reflns.pdbx_diffrn_id               1 
# 
_reflns_shell.d_res_high             1.40 
_reflns_shell.d_res_low              1.45 
_reflns_shell.percent_possible_all   99.9 
_reflns_shell.Rmerge_I_obs           0.375 
_reflns_shell.pdbx_Rsym_value        ? 
_reflns_shell.meanI_over_sigI_obs    6.1 
_reflns_shell.pdbx_redundancy        6.6 
_reflns_shell.percent_possible_obs   ? 
_reflns_shell.number_unique_all      997 
_reflns_shell.number_measured_all    ? 
_reflns_shell.number_measured_obs    ? 
_reflns_shell.number_unique_obs      ? 
_reflns_shell.pdbx_chi_squared       ? 
_reflns_shell.pdbx_ordinal           1 
_reflns_shell.pdbx_diffrn_id         1 
# 
_refine.entry_id                                 3KUJ 
_refine.ls_number_reflns_obs                     14231 
_refine.ls_number_reflns_all                     14288 
_refine.pdbx_ls_sigma_I                          ? 
_refine.pdbx_ls_sigma_F                          1 
_refine.pdbx_data_cutoff_high_absF               ? 
_refine.pdbx_data_cutoff_low_absF                ? 
_refine.pdbx_data_cutoff_high_rms_absF           ? 
_refine.ls_d_res_low                             33.77 
_refine.ls_d_res_high                            1.40 
_refine.ls_percent_reflns_obs                    99.36 
_refine.ls_R_factor_obs                          0.19713 
_refine.ls_R_factor_all                          ? 
_refine.ls_R_factor_R_work                       0.19578 
_refine.ls_R_factor_R_free                       0.22331 
_refine.ls_R_factor_R_free_error                 ? 
_refine.ls_R_factor_R_free_error_details         ? 
_refine.ls_percent_reflns_R_free                 5.0 
_refine.ls_number_reflns_R_free                  756 
_refine.ls_number_parameters                     ? 
_refine.ls_number_restraints                     ? 
_refine.occupancy_min                            ? 
_refine.occupancy_max                            ? 
_refine.correlation_coeff_Fo_to_Fc               0.950 
_refine.correlation_coeff_Fo_to_Fc_free          0.935 
_refine.B_iso_mean                               11.223 
_refine.aniso_B[1][1]                            0.20 
_refine.aniso_B[2][2]                            -0.21 
_refine.aniso_B[3][3]                            0.02 
_refine.aniso_B[1][2]                            0.00 
_refine.aniso_B[1][3]                            0.00 
_refine.aniso_B[2][3]                            0.00 
_refine.solvent_model_details                    MASK 
_refine.solvent_model_param_ksol                 ? 
_refine.solvent_model_param_bsol                 ? 
_refine.pdbx_solvent_vdw_probe_radii             1.20 
_refine.pdbx_solvent_ion_probe_radii             0.80 
_refine.pdbx_solvent_shrinkage_radii             0.80 
_refine.pdbx_ls_cross_valid_method               THROUGHOUT 
_refine.details                                  ? 
_refine.pdbx_starting_model                      'pdb entry 1I2T' 
_refine.pdbx_method_to_determine_struct          'MOLECULAR REPLACEMENT' 
_refine.pdbx_isotropic_thermal_model             ? 
_refine.pdbx_stereochemistry_target_values       'MAXIMUM LIKELIHOOD' 
_refine.pdbx_stereochem_target_val_spec_case     ? 
_refine.pdbx_R_Free_selection_details            RANDOM 
_refine.pdbx_overall_ESU_R                       0.074 
_refine.pdbx_overall_ESU_R_Free                  0.074 
_refine.overall_SU_ML                            0.039 
_refine.overall_SU_B                             1.865 
_refine.ls_redundancy_reflns_obs                 ? 
_refine.B_iso_min                                ? 
_refine.B_iso_max                                ? 
_refine.overall_SU_R_Cruickshank_DPI             ? 
_refine.overall_SU_R_free                        ? 
_refine.ls_wR_factor_R_free                      ? 
_refine.ls_wR_factor_R_work                      ? 
_refine.overall_FOM_free_R_set                   ? 
_refine.overall_FOM_work_R_set                   ? 
_refine.pdbx_overall_phase_error                 ? 
_refine.pdbx_refine_id                           'X-RAY DIFFRACTION' 
_refine.pdbx_TLS_residual_ADP_flag               'LIKELY RESIDUAL' 
_refine.pdbx_diffrn_id                           1 
_refine.pdbx_overall_SU_R_free_Cruickshank_DPI   ? 
_refine.pdbx_overall_SU_R_Blow_DPI               ? 
_refine.pdbx_overall_SU_R_free_Blow_DPI          ? 
# 
_refine_hist.pdbx_refine_id                   'X-RAY DIFFRACTION' 
_refine_hist.cycle_id                         LAST 
_refine_hist.pdbx_number_atoms_protein        698 
_refine_hist.pdbx_number_atoms_nucleic_acid   0 
_refine_hist.pdbx_number_atoms_ligand         10 
_refine_hist.number_atoms_solvent             53 
_refine_hist.number_atoms_total               761 
_refine_hist.d_res_high                       1.40 
_refine_hist.d_res_low                        33.77 
# 
loop_
_refine_ls_restr.type 
_refine_ls_restr.dev_ideal 
_refine_ls_restr.dev_ideal_target 
_refine_ls_restr.weight 
_refine_ls_restr.number 
_refine_ls_restr.pdbx_refine_id 
_refine_ls_restr.pdbx_restraint_function 
r_bond_refined_d         0.008  0.022  ? 729 'X-RAY DIFFRACTION' ? 
r_angle_refined_deg      1.249  2.007  ? 992 'X-RAY DIFFRACTION' ? 
r_dihedral_angle_1_deg   4.037  5.000  ? 94  'X-RAY DIFFRACTION' ? 
r_dihedral_angle_2_deg   30.185 25.926 ? 27  'X-RAY DIFFRACTION' ? 
r_dihedral_angle_3_deg   14.251 15.000 ? 129 'X-RAY DIFFRACTION' ? 
r_dihedral_angle_4_deg   16.126 15.000 ? 2   'X-RAY DIFFRACTION' ? 
r_chiral_restr           0.106  0.200  ? 118 'X-RAY DIFFRACTION' ? 
r_gen_planes_refined     0.005  0.020  ? 523 'X-RAY DIFFRACTION' ? 
r_nbd_refined            0.209  0.200  ? 322 'X-RAY DIFFRACTION' ? 
r_nbtor_refined          0.304  0.200  ? 502 'X-RAY DIFFRACTION' ? 
r_xyhbond_nbd_refined    0.073  0.200  ? 32  'X-RAY DIFFRACTION' ? 
r_symmetry_vdw_refined   0.215  0.200  ? 55  'X-RAY DIFFRACTION' ? 
r_symmetry_hbond_refined 0.180  0.200  ? 12  'X-RAY DIFFRACTION' ? 
r_mcbond_it              0.662  1.500  ? 477 'X-RAY DIFFRACTION' ? 
r_mcangle_it             1.013  2.000  ? 757 'X-RAY DIFFRACTION' ? 
r_scbond_it              1.945  3.000  ? 263 'X-RAY DIFFRACTION' ? 
r_scangle_it             2.860  4.500  ? 233 'X-RAY DIFFRACTION' ? 
# 
_refine_ls_shell.pdbx_total_number_of_bins_used   20 
_refine_ls_shell.d_res_high                       1.40 
_refine_ls_shell.d_res_low                        1.438 
_refine_ls_shell.number_reflns_R_work             997 
_refine_ls_shell.R_factor_R_work                  0.218 
_refine_ls_shell.percent_reflns_obs               96.32 
_refine_ls_shell.R_factor_R_free                  0.205 
_refine_ls_shell.R_factor_R_free_error            ? 
_refine_ls_shell.percent_reflns_R_free            ? 
_refine_ls_shell.number_reflns_R_free             49 
_refine_ls_shell.number_reflns_all                ? 
_refine_ls_shell.R_factor_all                     ? 
_refine_ls_shell.number_reflns_obs                ? 
_refine_ls_shell.redundancy_reflns_obs            ? 
_refine_ls_shell.pdbx_refine_id                   'X-RAY DIFFRACTION' 
# 
_struct.entry_id                  3KUJ 
_struct.title                     'Crystal structure of C-terminal domain of PABPC1 in complex with binding region of eRF3a' 
_struct.pdbx_model_details        ? 
_struct.pdbx_CASP_flag            N 
_struct.pdbx_model_type_details   ? 
# 
_struct_keywords.entry_id        3KUJ 
_struct_keywords.pdbx_keywords   'PROTEIN BINDING' 
_struct_keywords.text            
;protein-protein complex, Methylation, mRNA processing, mRNA splicing, Nucleus, Phosphoprotein, RNA-binding, Spliceosome, GTP-binding, Nucleotide-binding, PROTEIN BINDING
;
# 
loop_
_struct_asym.id 
_struct_asym.pdbx_blank_PDB_chainid_flag 
_struct_asym.pdbx_modified 
_struct_asym.entity_id 
_struct_asym.details 
A N N 1 ? 
B N N 2 ? 
C N N 3 ? 
D N N 3 ? 
E N N 4 ? 
F N N 4 ? 
# 
_struct_biol.id        1 
_struct_biol.details   ? 
# 
loop_
_struct_conf.conf_type_id 
_struct_conf.id 
_struct_conf.pdbx_PDB_helix_id 
_struct_conf.beg_label_comp_id 
_struct_conf.beg_label_asym_id 
_struct_conf.beg_label_seq_id 
_struct_conf.pdbx_beg_PDB_ins_code 
_struct_conf.end_label_comp_id 
_struct_conf.end_label_asym_id 
_struct_conf.end_label_seq_id 
_struct_conf.pdbx_end_PDB_ins_code 
_struct_conf.beg_auth_comp_id 
_struct_conf.beg_auth_asym_id 
_struct_conf.beg_auth_seq_id 
_struct_conf.end_auth_comp_id 
_struct_conf.end_auth_asym_id 
_struct_conf.end_auth_seq_id 
_struct_conf.pdbx_PDB_helix_class 
_struct_conf.details 
_struct_conf.pdbx_PDB_helix_length 
HELX_P HELX_P1 1 THR A 8  ? SER A 14 ? THR A 546 SER A 552 1 ? 7  
HELX_P HELX_P2 2 PRO A 16 ? GLN A 18 ? PRO A 554 GLN A 556 5 ? 3  
HELX_P HELX_P3 3 GLU A 19 ? HIS A 36 ? GLU A 557 HIS A 574 1 ? 18 
HELX_P HELX_P4 4 LEU A 39 ? LEU A 48 ? LEU A 577 LEU A 586 1 ? 10 
HELX_P HELX_P5 5 ASP A 51 ? SER A 61 ? ASP A 589 SER A 599 1 ? 11 
HELX_P HELX_P6 6 SER A 61 ? LYS A 82 ? SER A 599 LYS A 620 1 ? 22 
# 
_struct_conf_type.id          HELX_P 
_struct_conf_type.criteria    ? 
_struct_conf_type.reference   ? 
# 
loop_
_struct_site.id 
_struct_site.pdbx_evidence_code 
_struct_site.pdbx_auth_asym_id 
_struct_site.pdbx_auth_comp_id 
_struct_site.pdbx_auth_seq_id 
_struct_site.pdbx_auth_ins_code 
_struct_site.pdbx_num_residues 
_struct_site.details 
AC1 Software A SO4 1 ? 9 'BINDING SITE FOR RESIDUE SO4 A 1' 
AC2 Software B SO4 2 ? 7 'BINDING SITE FOR RESIDUE SO4 B 2' 
# 
loop_
_struct_site_gen.id 
_struct_site_gen.site_id 
_struct_site_gen.pdbx_num_res 
_struct_site_gen.label_comp_id 
_struct_site_gen.label_asym_id 
_struct_site_gen.label_seq_id 
_struct_site_gen.pdbx_auth_ins_code 
_struct_site_gen.auth_comp_id 
_struct_site_gen.auth_asym_id 
_struct_site_gen.auth_seq_id 
_struct_site_gen.label_atom_id 
_struct_site_gen.label_alt_id 
_struct_site_gen.symmetry 
_struct_site_gen.details 
1  AC1 9 HOH E .  ? HOH A 26  . ? 3_545 ? 
2  AC1 9 HOH E .  ? HOH A 32  . ? 1_555 ? 
3  AC1 9 HOH E .  ? HOH A 33  . ? 3_545 ? 
4  AC1 9 HIS A 36 ? HIS A 574 . ? 1_555 ? 
5  AC1 9 PRO A 37 ? PRO A 575 . ? 1_555 ? 
6  AC1 9 THR A 38 ? THR A 576 . ? 1_555 ? 
7  AC1 9 LEU A 39 ? LEU A 577 . ? 1_555 ? 
8  AC1 9 ASP A 51 ? ASP A 589 . ? 3_545 ? 
9  AC1 9 ARG A 66 ? ARG A 604 . ? 2_555 ? 
10 AC2 7 HOH E .  ? HOH A 42  . ? 4_555 ? 
11 AC2 7 GLU A 54 ? GLU A 592 . ? 4_555 ? 
12 AC2 7 HIS A 57 ? HIS A 595 . ? 4_555 ? 
13 AC2 7 SER A 64 ? SER A 602 . ? 4_555 ? 
14 AC2 7 LYS A 68 ? LYS A 606 . ? 4_555 ? 
15 AC2 7 ASN B 4  ? ASN B 79  . ? 1_555 ? 
16 AC2 7 HIS B 6  ? HIS B 81  . ? 1_555 ? 
# 
_atom_sites.entry_id                    3KUJ 
_atom_sites.fract_transf_matrix[1][1]   -0.02125693 
_atom_sites.fract_transf_matrix[1][2]   -0.00596989 
_atom_sites.fract_transf_matrix[1][3]   -0.00127315 
_atom_sites.fract_transf_matrix[2][1]   -0.00309577 
_atom_sites.fract_transf_matrix[2][2]   0.01391733 
_atom_sites.fract_transf_matrix[2][3]   -0.01357145 
_atom_sites.fract_transf_matrix[3][1]   0.00706115 
_atom_sites.fract_transf_matrix[3][2]   -0.02034882 
_atom_sites.fract_transf_matrix[3][3]   -0.02247814 
_atom_sites.fract_transf_vector[1]      0.227038 
_atom_sites.fract_transf_vector[2]      0.120996 
_atom_sites.fract_transf_vector[3]      0.149872 
# 
loop_
_atom_type.symbol 
C 
N 
O 
S 
# 
loop_
_atom_site.group_PDB 
_atom_site.id 
_atom_site.type_symbol 
_atom_site.label_atom_id 
_atom_site.label_alt_id 
_atom_site.label_comp_id 
_atom_site.label_asym_id 
_atom_site.label_entity_id 
_atom_site.label_seq_id 
_atom_site.pdbx_PDB_ins_code 
_atom_site.Cartn_x 
_atom_site.Cartn_y 
_atom_site.Cartn_z 
_atom_site.occupancy 
_atom_site.B_iso_or_equiv 
_atom_site.pdbx_formal_charge 
_atom_site.auth_seq_id 
_atom_site.auth_comp_id 
_atom_site.auth_asym_id 
_atom_site.auth_atom_id 
_atom_site.pdbx_PDB_model_num 
ATOM   1   N N   . PRO A 1 6  ? 13.259  -5.421  -9.947  1.00 17.44 ? 544 PRO A N   1 
ATOM   2   C CA  . PRO A 1 6  ? 12.243  -4.428  -9.605  1.00 17.41 ? 544 PRO A CA  1 
ATOM   3   C C   . PRO A 1 6  ? 10.998  -4.509  -10.489 1.00 17.24 ? 544 PRO A C   1 
ATOM   4   O O   . PRO A 1 6  ? 11.088  -4.872  -11.665 1.00 17.41 ? 544 PRO A O   1 
ATOM   5   C CB  . PRO A 1 6  ? 12.962  -3.088  -9.844  1.00 17.47 ? 544 PRO A CB  1 
ATOM   6   C CG  . PRO A 1 6  ? 14.420  -3.424  -10.127 1.00 17.65 ? 544 PRO A CG  1 
ATOM   7   C CD  . PRO A 1 6  ? 14.618  -4.877  -9.819  1.00 17.61 ? 544 PRO A CD  1 
ATOM   8   N N   . LEU A 1 7  ? 9.845   -4.178  -9.910  1.00 16.72 ? 545 LEU A N   1 
ATOM   9   C CA  . LEU A 1 7  ? 8.590   -4.076  -10.646 1.00 16.22 ? 545 LEU A CA  1 
ATOM   10  C C   . LEU A 1 7  ? 8.606   -2.796  -11.464 1.00 16.01 ? 545 LEU A C   1 
ATOM   11  O O   . LEU A 1 7  ? 8.956   -1.730  -10.952 1.00 16.29 ? 545 LEU A O   1 
ATOM   12  C CB  . LEU A 1 7  ? 7.412   -4.072  -9.667  1.00 16.13 ? 545 LEU A CB  1 
ATOM   13  C CG  . LEU A 1 7  ? 5.971   -4.021  -10.180 1.00 15.23 ? 545 LEU A CG  1 
ATOM   14  C CD1 . LEU A 1 7  ? 5.610   -5.269  -11.003 1.00 15.56 ? 545 LEU A CD1 1 
ATOM   15  C CD2 . LEU A 1 7  ? 5.022   -3.839  -8.993  1.00 15.45 ? 545 LEU A CD2 1 
ATOM   16  N N   . THR A 1 8  ? 8.240   -2.910  -12.740 1.00 15.71 ? 546 THR A N   1 
ATOM   17  C CA  . THR A 1 8  ? 8.251   -1.773  -13.654 1.00 15.47 ? 546 THR A CA  1 
ATOM   18  C C   . THR A 1 8  ? 6.839   -1.456  -14.140 1.00 14.84 ? 546 THR A C   1 
ATOM   19  O O   . THR A 1 8  ? 5.935   -2.290  -14.037 1.00 15.28 ? 546 THR A O   1 
ATOM   20  C CB  . THR A 1 8  ? 9.134   -2.045  -14.884 1.00 15.34 ? 546 THR A CB  1 
ATOM   21  O OG1 . THR A 1 8  ? 8.529   -3.076  -15.673 1.00 16.29 ? 546 THR A OG1 1 
ATOM   22  C CG2 . THR A 1 8  ? 10.537  -2.479  -14.467 1.00 15.97 ? 546 THR A CG2 1 
ATOM   23  N N   . ALA A 1 9  ? 6.662   -0.251  -14.678 1.00 14.46 ? 547 ALA A N   1 
ATOM   24  C CA  . ALA A 1 9  ? 5.384   0.172   -15.250 1.00 14.65 ? 547 ALA A CA  1 
ATOM   25  C C   . ALA A 1 9  ? 4.947   -0.745  -16.387 1.00 14.67 ? 547 ALA A C   1 
ATOM   26  O O   . ALA A 1 9  ? 3.769   -1.094  -16.497 1.00 14.77 ? 547 ALA A O   1 
ATOM   27  C CB  . ALA A 1 9  ? 5.472   1.609   -15.734 1.00 14.43 ? 547 ALA A CB  1 
ATOM   28  N N   . SER A 1 10 ? 5.909   -1.131  -17.225 1.00 14.72 ? 548 SER A N   1 
ATOM   29  C CA  . SER A 1 10 ? 5.674   -2.067  -18.322 1.00 15.00 ? 548 SER A CA  1 
ATOM   30  C C   . SER A 1 10 ? 5.136   -3.406  -17.826 1.00 14.71 ? 548 SER A C   1 
ATOM   31  O O   . SER A 1 10 ? 4.184   -3.948  -18.390 1.00 14.90 ? 548 SER A O   1 
ATOM   32  C CB  . SER A 1 10 ? 6.961   -2.279  -19.125 1.00 15.04 ? 548 SER A CB  1 
ATOM   33  O OG  . SER A 1 10 ? 6.786   -3.263  -20.126 1.00 17.37 ? 548 SER A OG  1 
ATOM   34  N N   . MET A 1 11 ? 5.734   -3.927  -16.755 1.00 15.06 ? 549 MET A N   1 
ATOM   35  C CA  . MET A 1 11 ? 5.266   -5.171  -16.164 1.00 15.13 ? 549 MET A CA  1 
ATOM   36  C C   . MET A 1 11 ? 3.843   -5.023  -15.661 1.00 15.15 ? 549 MET A C   1 
ATOM   37  O O   . MET A 1 11 ? 3.007   -5.888  -15.886 1.00 15.09 ? 549 MET A O   1 
ATOM   38  C CB  . MET A 1 11 ? 6.166   -5.583  -15.005 1.00 15.03 ? 549 MET A CB  1 
ATOM   39  C CG  . MET A 1 11 ? 7.489   -6.154  -15.445 1.00 14.92 ? 549 MET A CG  1 
ATOM   40  S SD  . MET A 1 11 ? 8.535   -6.492  -14.026 1.00 15.95 ? 549 MET A SD  1 
ATOM   41  C CE  . MET A 1 11 ? 7.753   -7.968  -13.361 1.00 15.92 ? 549 MET A CE  1 
ATOM   42  N N   . LEU A 1 12 ? 3.558   -3.915  -14.985 1.00 15.26 ? 550 LEU A N   1 
ATOM   43  C CA  . LEU A 1 12 ? 2.219   -3.690  -14.467 1.00 16.09 ? 550 LEU A CA  1 
ATOM   44  C C   . LEU A 1 12 ? 1.188   -3.524  -15.573 1.00 16.18 ? 550 LEU A C   1 
ATOM   45  O O   . LEU A 1 12 ? 0.108   -4.114  -15.514 1.00 16.69 ? 550 LEU A O   1 
ATOM   46  C CB  . LEU A 1 12 ? 2.196   -2.481  -13.537 1.00 16.42 ? 550 LEU A CB  1 
ATOM   47  C CG  . LEU A 1 12 ? 2.643   -2.796  -12.121 1.00 18.06 ? 550 LEU A CG  1 
ATOM   48  C CD1 . LEU A 1 12 ? 2.992   -1.514  -11.393 1.00 19.14 ? 550 LEU A CD1 1 
ATOM   49  C CD2 . LEU A 1 12 ? 1.559   -3.579  -11.379 1.00 18.12 ? 550 LEU A CD2 1 
ATOM   50  N N   . ALA A 1 13 ? 1.526   -2.728  -16.581 1.00 15.88 ? 551 ALA A N   1 
ATOM   51  C CA  . ALA A 1 13 ? 0.590   -2.414  -17.652 1.00 15.91 ? 551 ALA A CA  1 
ATOM   52  C C   . ALA A 1 13 ? 0.261   -3.637  -18.492 1.00 15.82 ? 551 ALA A C   1 
ATOM   53  O O   . ALA A 1 13 ? -0.800  -3.691  -19.111 1.00 16.48 ? 551 ALA A O   1 
ATOM   54  C CB  . ALA A 1 13 ? 1.143   -1.317  -18.525 1.00 15.87 ? 551 ALA A CB  1 
ATOM   55  N N   . SER A 1 14 ? 1.174   -4.610  -18.511 1.00 15.34 ? 552 SER A N   1 
ATOM   56  C CA  . SER A 1 14 ? 0.990   -5.853  -19.274 1.00 15.56 ? 552 SER A CA  1 
ATOM   57  C C   . SER A 1 14 ? 0.332   -6.963  -18.447 1.00 14.98 ? 552 SER A C   1 
ATOM   58  O O   . SER A 1 14 ? 0.018   -8.041  -18.964 1.00 15.70 ? 552 SER A O   1 
ATOM   59  C CB  . SER A 1 14 ? 2.331   -6.343  -19.813 1.00 15.57 ? 552 SER A CB  1 
ATOM   60  O OG  . SER A 1 14 ? 2.820   -5.463  -20.813 1.00 18.39 ? 552 SER A OG  1 
ATOM   61  N N   . ALA A 1 15 ? 0.133   -6.704  -17.160 1.00 14.14 ? 553 ALA A N   1 
ATOM   62  C CA  . ALA A 1 15 ? -0.544  -7.661  -16.303 1.00 14.17 ? 553 ALA A CA  1 
ATOM   63  C C   . ALA A 1 15 ? -2.045  -7.477  -16.455 1.00 14.06 ? 553 ALA A C   1 
ATOM   64  O O   . ALA A 1 15 ? -2.505  -6.350  -16.658 1.00 15.16 ? 553 ALA A O   1 
ATOM   65  C CB  . ALA A 1 15 ? -0.133  -7.446  -14.858 1.00 13.95 ? 553 ALA A CB  1 
ATOM   66  N N   . PRO A 1 16 ? -2.819  -8.577  -16.346 1.00 13.61 ? 554 PRO A N   1 
ATOM   67  C CA  . PRO A 1 16 ? -4.272  -8.448  -16.307 1.00 13.20 ? 554 PRO A CA  1 
ATOM   68  C C   . PRO A 1 16 ? -4.644  -7.489  -15.179 1.00 12.75 ? 554 PRO A C   1 
ATOM   69  O O   . PRO A 1 16 ? -4.054  -7.568  -14.085 1.00 12.84 ? 554 PRO A O   1 
ATOM   70  C CB  . PRO A 1 16 ? -4.745  -9.870  -15.980 1.00 13.08 ? 554 PRO A CB  1 
ATOM   71  C CG  . PRO A 1 16 ? -3.637  -10.764 -16.429 1.00 13.89 ? 554 PRO A CG  1 
ATOM   72  C CD  . PRO A 1 16 ? -2.379  -9.980  -16.228 1.00 13.59 ? 554 PRO A CD  1 
ATOM   73  N N   . PRO A 1 17 ? -5.586  -6.559  -15.432 1.00 12.51 ? 555 PRO A N   1 
ATOM   74  C CA  . PRO A 1 17 ? -5.947  -5.580  -14.401 1.00 12.45 ? 555 PRO A CA  1 
ATOM   75  C C   . PRO A 1 17 ? -6.243  -6.186  -13.029 1.00 12.69 ? 555 PRO A C   1 
ATOM   76  O O   . PRO A 1 17 ? -5.894  -5.581  -12.008 1.00 12.57 ? 555 PRO A O   1 
ATOM   77  C CB  . PRO A 1 17 ? -7.198  -4.917  -14.981 1.00 12.47 ? 555 PRO A CB  1 
ATOM   78  C CG  . PRO A 1 17 ? -6.988  -4.987  -16.440 1.00 12.72 ? 555 PRO A CG  1 
ATOM   79  C CD  . PRO A 1 17 ? -6.344  -6.331  -16.680 1.00 12.23 ? 555 PRO A CD  1 
ATOM   80  N N   . GLN A 1 18 ? -6.831  -7.380  -13.001 1.00 12.64 ? 556 GLN A N   1 
ATOM   81  C CA  . GLN A 1 18 ? -7.213  -8.013  -11.740 1.00 13.25 ? 556 GLN A CA  1 
ATOM   82  C C   . GLN A 1 18 ? -6.027  -8.489  -10.892 1.00 12.48 ? 556 GLN A C   1 
ATOM   83  O O   . GLN A 1 18 ? -6.206  -8.826  -9.726  1.00 12.08 ? 556 GLN A O   1 
ATOM   84  C CB  . GLN A 1 18 ? -8.227  -9.144  -11.964 1.00 13.39 ? 556 GLN A CB  1 
ATOM   85  C CG  . GLN A 1 18 ? -7.656  -10.449 -12.514 1.00 14.43 ? 556 GLN A CG  1 
ATOM   86  C CD  . GLN A 1 18 ? -8.666  -11.589 -12.484 1.00 14.95 ? 556 GLN A CD  1 
ATOM   87  O OE1 . GLN A 1 18 ? -9.881  -11.366 -12.434 1.00 17.08 ? 556 GLN A OE1 1 
ATOM   88  N NE2 . GLN A 1 18 ? -8.166  -12.820 -12.513 1.00 17.55 ? 556 GLN A NE2 1 
ATOM   89  N N   . GLU A 1 19 ? -4.823  -8.516  -11.468 1.00 12.07 ? 557 GLU A N   1 
ATOM   90  C CA  . GLU A 1 19 ? -3.615  -8.865  -10.695 1.00 11.63 ? 557 GLU A CA  1 
ATOM   91  C C   . GLU A 1 19 ? -2.759  -7.656  -10.283 1.00 10.72 ? 557 GLU A C   1 
ATOM   92  O O   . GLU A 1 19 ? -1.837  -7.794  -9.474  1.00 9.74  ? 557 GLU A O   1 
ATOM   93  C CB  . GLU A 1 19 ? -2.744  -9.882  -11.451 1.00 12.11 ? 557 GLU A CB  1 
ATOM   94  C CG  . GLU A 1 19 ? -3.069  -11.364 -11.176 1.00 14.92 ? 557 GLU A CG  1 
ATOM   95  C CD  . GLU A 1 19 ? -4.145  -11.935 -12.076 1.00 18.43 ? 557 GLU A CD  1 
ATOM   96  O OE1 . GLU A 1 19 ? -4.123  -11.668 -13.297 1.00 19.96 ? 557 GLU A OE1 1 
ATOM   97  O OE2 . GLU A 1 19 ? -5.006  -12.686 -11.567 1.00 20.37 ? 557 GLU A OE2 1 
ATOM   98  N N   . GLN A 1 20 ? -3.058  -6.476  -10.823 1.00 9.92  ? 558 GLN A N   1 
ATOM   99  C CA  . GLN A 1 20 ? -2.186  -5.307  -10.657 1.00 9.87  ? 558 GLN A CA  1 
ATOM   100 C C   . GLN A 1 20 ? -2.012  -4.851  -9.200  1.00 9.41  ? 558 GLN A C   1 
ATOM   101 O O   . GLN A 1 20 ? -0.877  -4.625  -8.746  1.00 9.38  ? 558 GLN A O   1 
ATOM   102 C CB  . GLN A 1 20 ? -2.672  -4.147  -11.529 1.00 9.50  ? 558 GLN A CB  1 
ATOM   103 C CG  . GLN A 1 20 ? -2.395  -4.345  -13.009 1.00 10.13 ? 558 GLN A CG  1 
ATOM   104 C CD  . GLN A 1 20 ? -3.110  -3.329  -13.874 1.00 13.59 ? 558 GLN A CD  1 
ATOM   105 O OE1 . GLN A 1 20 ? -4.052  -2.660  -13.430 1.00 14.29 ? 558 GLN A OE1 1 
ATOM   106 N NE2 . GLN A 1 20 ? -2.679  -3.215  -15.122 1.00 13.80 ? 558 GLN A NE2 1 
ATOM   107 N N   . LYS A 1 21 ? -3.119  -4.730  -8.462  1.00 9.49  ? 559 LYS A N   1 
ATOM   108 C CA  . LYS A 1 21 ? -3.059  -4.332  -7.043  1.00 9.47  ? 559 LYS A CA  1 
ATOM   109 C C   . LYS A 1 21 ? -2.292  -5.353  -6.208  1.00 9.43  ? 559 LYS A C   1 
ATOM   110 O O   . LYS A 1 21 ? -1.502  -4.986  -5.344  1.00 9.06  ? 559 LYS A O   1 
ATOM   111 C CB  . LYS A 1 21 ? -4.453  -4.125  -6.443  1.00 10.18 ? 559 LYS A CB  1 
ATOM   112 C CG  . LYS A 1 21 ? -5.249  -2.992  -7.049  1.00 9.40  ? 559 LYS A CG  1 
ATOM   113 C CD  . LYS A 1 21 ? -4.607  -1.634  -6.807  1.00 9.44  ? 559 LYS A CD  1 
ATOM   114 C CE  . LYS A 1 21 ? -5.528  -0.544  -7.306  1.00 8.62  ? 559 LYS A CE  1 
ATOM   115 N NZ  . LYS A 1 21 ? -4.932  0.807   -7.148  1.00 7.56  ? 559 LYS A NZ  1 
ATOM   116 N N   . GLN A 1 22 ? -2.512  -6.633  -6.476  1.00 8.68  ? 560 GLN A N   1 
ATOM   117 C CA  . GLN A 1 22 ? -1.799  -7.679  -5.766  1.00 8.46  ? 560 GLN A CA  1 
ATOM   118 C C   . GLN A 1 22 ? -0.294  -7.586  -6.043  1.00 7.81  ? 560 GLN A C   1 
ATOM   119 O O   . GLN A 1 22 ? 0.512   -7.727  -5.132  1.00 7.57  ? 560 GLN A O   1 
ATOM   120 C CB  . GLN A 1 22 ? -2.356  -9.059  -6.130  1.00 8.47  ? 560 GLN A CB  1 
ATOM   121 C CG  . GLN A 1 22 ? -1.630  -10.234 -5.485  1.00 10.06 ? 560 GLN A CG  1 
ATOM   122 C CD  . GLN A 1 22 ? -1.858  -10.348 -3.989  1.00 11.51 ? 560 GLN A CD  1 
ATOM   123 O OE1 . GLN A 1 22 ? -2.897  -9.938  -3.465  1.00 13.32 ? 560 GLN A OE1 1 
ATOM   124 N NE2 . GLN A 1 22 ? -0.882  -10.915 -3.296  1.00 11.11 ? 560 GLN A NE2 1 
ATOM   125 N N   . MET A 1 23 ? 0.077   -7.362  -7.304  1.00 7.75  ? 561 MET A N   1 
ATOM   126 C CA  . MET A 1 23 ? 1.493   -7.218  -7.657  1.00 7.94  ? 561 MET A CA  1 
ATOM   127 C C   . MET A 1 23 ? 2.158   -6.062  -6.915  1.00 7.88  ? 561 MET A C   1 
ATOM   128 O O   . MET A 1 23 ? 3.265   -6.214  -6.392  1.00 8.04  ? 561 MET A O   1 
ATOM   129 C CB  . MET A 1 23 ? 1.653   -7.057  -9.167  1.00 7.49  ? 561 MET A CB  1 
ATOM   130 C CG  . MET A 1 23 ? 1.301   -8.326  -9.931  1.00 7.26  ? 561 MET A CG  1 
ATOM   131 S SD  . MET A 1 23 ? 1.077   -8.055  -11.691 1.00 8.49  ? 561 MET A SD  1 
ATOM   132 C CE  . MET A 1 23 ? 2.770   -7.740  -12.183 1.00 8.79  ? 561 MET A CE  1 
ATOM   133 N N   . LEU A 1 24 ? 1.478   -4.922  -6.852  1.00 7.85  ? 562 LEU A N   1 
ATOM   134 C CA  . LEU A 1 24 ? 1.985   -3.767  -6.126  1.00 7.99  ? 562 LEU A CA  1 
ATOM   135 C C   . LEU A 1 24 ? 2.034   -4.050  -4.628  1.00 8.21  ? 562 LEU A C   1 
ATOM   136 O O   . LEU A 1 24 ? 3.029   -3.754  -3.964  1.00 8.03  ? 562 LEU A O   1 
ATOM   137 C CB  . LEU A 1 24 ? 1.119   -2.544  -6.429  1.00 8.33  ? 562 LEU A CB  1 
ATOM   138 C CG  . LEU A 1 24 ? 1.412   -1.887  -7.779  1.00 8.30  ? 562 LEU A CG  1 
ATOM   139 C CD1 . LEU A 1 24 ? 0.233   -1.026  -8.243  1.00 8.00  ? 562 LEU A CD1 1 
ATOM   140 C CD2 . LEU A 1 24 ? 2.676   -1.044  -7.723  1.00 9.77  ? 562 LEU A CD2 1 
ATOM   141 N N   . GLY A 1 25 ? 0.965   -4.650  -4.107  1.00 7.79  ? 563 GLY A N   1 
ATOM   142 C CA  . GLY A 1 25 ? 0.862   -5.007  -2.693  1.00 8.40  ? 563 GLY A CA  1 
ATOM   143 C C   . GLY A 1 25 ? 1.980   -5.913  -2.223  1.00 8.19  ? 563 GLY A C   1 
ATOM   144 O O   . GLY A 1 25 ? 2.513   -5.743  -1.122  1.00 8.49  ? 563 GLY A O   1 
ATOM   145 N N   . GLU A 1 26 ? 2.350   -6.879  -3.061  1.00 7.90  ? 564 GLU A N   1 
ATOM   146 C CA  . GLU A 1 26 ? 3.417   -7.810  -2.694  1.00 8.43  ? 564 GLU A CA  1 
ATOM   147 C C   . GLU A 1 26 ? 4.764   -7.112  -2.508  1.00 8.15  ? 564 GLU A C   1 
ATOM   148 O O   . GLU A 1 26 ? 5.593   -7.560  -1.707  1.00 8.79  ? 564 GLU A O   1 
ATOM   149 C CB  . GLU A 1 26 ? 3.539   -8.936  -3.720  1.00 8.86  ? 564 GLU A CB  1 
ATOM   150 C CG  . GLU A 1 26 ? 2.346   -9.857  -3.718  1.00 11.59 ? 564 GLU A CG  1 
ATOM   151 C CD  . GLU A 1 26 ? 2.394   -10.883 -4.817  1.00 14.97 ? 564 GLU A CD  1 
ATOM   152 O OE1 . GLU A 1 26 ? 3.416   -10.953 -5.541  1.00 17.70 ? 564 GLU A OE1 1 
ATOM   153 O OE2 . GLU A 1 26 ? 1.399   -11.627 -4.962  1.00 14.81 ? 564 GLU A OE2 1 
ATOM   154 N N   . ARG A 1 27 ? 4.982   -6.032  -3.257  1.00 8.19  ? 565 ARG A N   1 
ATOM   155 C CA  . ARG A 1 27 ? 6.241   -5.302  -3.160  1.00 8.77  ? 565 ARG A CA  1 
ATOM   156 C C   . ARG A 1 27 ? 6.187   -4.238  -2.065  1.00 8.21  ? 565 ARG A C   1 
ATOM   157 O O   . ARG A 1 27 ? 7.198   -3.961  -1.425  1.00 8.55  ? 565 ARG A O   1 
ATOM   158 C CB  . ARG A 1 27 ? 6.623   -4.649  -4.499  1.00 9.85  ? 565 ARG A CB  1 
ATOM   159 C CG  . ARG A 1 27 ? 6.567   -5.552  -5.726  1.00 13.52 ? 565 ARG A CG  1 
ATOM   160 C CD  . ARG A 1 27 ? 7.543   -6.691  -5.671  1.00 17.00 ? 565 ARG A CD  1 
ATOM   161 N NE  . ARG A 1 27 ? 7.526   -7.442  -6.926  1.00 18.35 ? 565 ARG A NE  1 
ATOM   162 C CZ  . ARG A 1 27 ? 8.531   -7.496  -7.797  1.00 19.49 ? 565 ARG A CZ  1 
ATOM   163 N NH1 . ARG A 1 27 ? 9.671   -6.853  -7.567  1.00 18.75 ? 565 ARG A NH1 1 
ATOM   164 N NH2 . ARG A 1 27 ? 8.393   -8.209  -8.906  1.00 20.47 ? 565 ARG A NH2 1 
ATOM   165 N N   . LEU A 1 28 ? 5.025   -3.613  -1.879  1.00 7.15  ? 566 LEU A N   1 
ATOM   166 C CA  . LEU A 1 28 ? 4.876   -2.608  -0.831  1.00 6.98  ? 566 LEU A CA  1 
ATOM   167 C C   . LEU A 1 28 ? 4.810   -3.190  0.578   1.00 6.39  ? 566 LEU A C   1 
ATOM   168 O O   . LEU A 1 28 ? 5.337   -2.593  1.512   1.00 5.35  ? 566 LEU A O   1 
ATOM   169 C CB  . LEU A 1 28 ? 3.646   -1.746  -1.106  1.00 7.93  ? 566 LEU A CB  1 
ATOM   170 C CG  . LEU A 1 28 ? 3.767   -0.802  -2.313  1.00 8.52  ? 566 LEU A CG  1 
ATOM   171 C CD1 . LEU A 1 28 ? 2.396   -0.364  -2.813  1.00 12.01 ? 566 LEU A CD1 1 
ATOM   172 C CD2 . LEU A 1 28 ? 4.655   0.414   -1.989  1.00 9.94  ? 566 LEU A CD2 1 
ATOM   173 N N   . PHE A 1 29 ? 4.171   -4.353  0.724   1.00 5.99  ? 567 PHE A N   1 
ATOM   174 C CA  . PHE A 1 29 ? 3.911   -4.901  2.048   1.00 5.98  ? 567 PHE A CA  1 
ATOM   175 C C   . PHE A 1 29 ? 5.165   -5.037  2.923   1.00 5.72  ? 567 PHE A C   1 
ATOM   176 O O   . PHE A 1 29 ? 5.139   -4.598  4.066   1.00 5.74  ? 567 PHE A O   1 
ATOM   177 C CB  . PHE A 1 29 ? 3.141   -6.229  1.964   1.00 6.18  ? 567 PHE A CB  1 
ATOM   178 C CG  . PHE A 1 29 ? 2.890   -6.853  3.301   1.00 6.14  ? 567 PHE A CG  1 
ATOM   179 C CD1 . PHE A 1 29 ? 1.802   -6.467  4.070   1.00 6.64  ? 567 PHE A CD1 1 
ATOM   180 C CD2 . PHE A 1 29 ? 3.766   -7.807  3.809   1.00 7.05  ? 567 PHE A CD2 1 
ATOM   181 C CE1 . PHE A 1 29 ? 1.566   -7.037  5.316   1.00 7.84  ? 567 PHE A CE1 1 
ATOM   182 C CE2 . PHE A 1 29 ? 3.549   -8.373  5.057   1.00 8.21  ? 567 PHE A CE2 1 
ATOM   183 C CZ  . PHE A 1 29 ? 2.454   -7.988  5.815   1.00 7.60  ? 567 PHE A CZ  1 
ATOM   184 N N   . PRO A 1 30 ? 6.262   -5.640  2.414   1.00 5.93  ? 568 PRO A N   1 
ATOM   185 C CA  . PRO A 1 30 ? 7.418   -5.785  3.318   1.00 6.08  ? 568 PRO A CA  1 
ATOM   186 C C   . PRO A 1 30 ? 7.984   -4.451  3.799   1.00 5.66  ? 568 PRO A C   1 
ATOM   187 O O   . PRO A 1 30 ? 8.475   -4.362  4.927   1.00 5.70  ? 568 PRO A O   1 
ATOM   188 C CB  . PRO A 1 30 ? 8.464   -6.543  2.493   1.00 6.71  ? 568 PRO A CB  1 
ATOM   189 C CG  . PRO A 1 30 ? 7.892   -6.750  1.151   1.00 7.93  ? 568 PRO A CG  1 
ATOM   190 C CD  . PRO A 1 30 ? 6.494   -6.234  1.089   1.00 6.25  ? 568 PRO A CD  1 
ATOM   191 N N   . LEU A 1 31 ? 7.920   -3.428  2.953   1.00 4.67  ? 569 LEU A N   1 
ATOM   192 C CA  . LEU A 1 31 ? 8.388   -2.096  3.331   1.00 4.80  ? 569 LEU A CA  1 
ATOM   193 C C   . LEU A 1 31 ? 7.494   -1.492  4.411   1.00 4.95  ? 569 LEU A C   1 
ATOM   194 O O   . LEU A 1 31 ? 7.988   -0.951  5.396   1.00 5.75  ? 569 LEU A O   1 
ATOM   195 C CB  . LEU A 1 31 ? 8.445   -1.190  2.101   1.00 4.10  ? 569 LEU A CB  1 
ATOM   196 C CG  . LEU A 1 31 ? 9.318   -1.709  0.947   1.00 4.04  ? 569 LEU A CG  1 
ATOM   197 C CD1 . LEU A 1 31 ? 9.266   -0.769  -0.241  1.00 6.68  ? 569 LEU A CD1 1 
ATOM   198 C CD2 . LEU A 1 31 ? 10.765  -1.894  1.398   1.00 6.03  ? 569 LEU A CD2 1 
ATOM   199 N N   . ILE A 1 32 ? 6.180   -1.601  4.234   1.00 4.78  ? 570 ILE A N   1 
ATOM   200 C CA  . ILE A 1 32 ? 5.233   -1.059  5.205   1.00 5.05  ? 570 ILE A CA  1 
ATOM   201 C C   . ILE A 1 32 ? 5.292   -1.857  6.510   1.00 4.95  ? 570 ILE A C   1 
ATOM   202 O O   . ILE A 1 32 ? 5.258   -1.282  7.592   1.00 6.00  ? 570 ILE A O   1 
ATOM   203 C CB  . ILE A 1 32 ? 3.824   -1.053  4.596   1.00 5.02  ? 570 ILE A CB  1 
ATOM   204 C CG1 . ILE A 1 32 ? 3.798   -0.107  3.385   1.00 6.17  ? 570 ILE A CG1 1 
ATOM   205 C CG2 . ILE A 1 32 ? 2.786   -0.641  5.636   1.00 6.30  ? 570 ILE A CG2 1 
ATOM   206 C CD1 . ILE A 1 32 ? 2.519   -0.188  2.570   1.00 7.45  ? 570 ILE A CD1 1 
ATOM   207 N N   . GLN A 1 33 ? 5.438   -3.178  6.400   1.00 4.96  ? 571 GLN A N   1 
ATOM   208 C CA  . GLN A 1 33 ? 5.611   -4.018  7.576   1.00 4.87  ? 571 GLN A CA  1 
ATOM   209 C C   . GLN A 1 33 ? 6.858   -3.666  8.380   1.00 4.96  ? 571 GLN A C   1 
ATOM   210 O O   . GLN A 1 33 ? 6.847   -3.774  9.607   1.00 4.64  ? 571 GLN A O   1 
ATOM   211 C CB  . GLN A 1 33 ? 5.641   -5.486  7.168   1.00 4.71  ? 571 GLN A CB  1 
ATOM   212 C CG  . GLN A 1 33 ? 5.774   -6.455  8.334   1.00 5.35  ? 571 GLN A CG  1 
ATOM   213 C CD  . GLN A 1 33 ? 5.821   -7.873  7.883   1.00 7.34  ? 571 GLN A CD  1 
ATOM   214 O OE1 . GLN A 1 33 ? 6.758   -8.288  7.186   1.00 9.98  ? 571 GLN A OE1 1 
ATOM   215 N NE2 . GLN A 1 33 ? 4.813   -8.627  8.254   1.00 6.11  ? 571 GLN A NE2 1 
ATOM   216 N N   . ALA A 1 34 ? 7.930   -3.248  7.707   1.00 5.10  ? 572 ALA A N   1 
ATOM   217 C CA  . ALA A 1 34 ? 9.145   -2.844  8.415   1.00 5.25  ? 572 ALA A CA  1 
ATOM   218 C C   . ALA A 1 34 ? 8.854   -1.657  9.329   1.00 5.63  ? 572 ALA A C   1 
ATOM   219 O O   . ALA A 1 34 ? 9.379   -1.554  10.446  1.00 5.52  ? 572 ALA A O   1 
ATOM   220 C CB  . ALA A 1 34 ? 10.261  -2.507  7.434   1.00 5.63  ? 572 ALA A CB  1 
ATOM   221 N N   . MET A 1 35 ? 8.021   -0.751  8.828   1.00 5.47  ? 573 MET A N   1 
ATOM   222 C CA  . MET A 1 35 ? 7.634   0.463   9.548   1.00 7.46  ? 573 MET A CA  1 
ATOM   223 C C   . MET A 1 35 ? 6.622   0.156   10.660  1.00 6.17  ? 573 MET A C   1 
ATOM   224 O O   . MET A 1 35 ? 6.670   0.740   11.745  1.00 7.14  ? 573 MET A O   1 
ATOM   225 C CB  . MET A 1 35 ? 7.028   1.454   8.529   1.00 7.24  ? 573 MET A CB  1 
ATOM   226 C CG  . MET A 1 35 ? 7.943   1.742   7.315   1.00 8.94  ? 573 MET A CG  1 
ATOM   227 S SD  . MET A 1 35 ? 7.128   2.394   5.831   1.00 14.56 ? 573 MET A SD  1 
ATOM   228 C CE  . MET A 1 35 ? 6.935   4.058   6.381   1.00 16.17 ? 573 MET A CE  1 
ATOM   229 N N   . HIS A 1 36 ? 5.700   -0.762  10.375  1.00 5.84  ? 574 HIS A N   1 
ATOM   230 C CA  . HIS A 1 36 ? 4.548   -1.036  11.245  1.00 5.79  ? 574 HIS A CA  1 
ATOM   231 C C   . HIS A 1 36 ? 4.234   -2.530  11.225  1.00 5.83  ? 574 HIS A C   1 
ATOM   232 O O   . HIS A 1 36 ? 3.381   -2.978  10.454  1.00 6.47  ? 574 HIS A O   1 
ATOM   233 C CB  . HIS A 1 36 ? 3.340   -0.184  10.822  1.00 5.65  ? 574 HIS A CB  1 
ATOM   234 C CG  . HIS A 1 36 ? 3.565   1.278   11.024  1.00 6.49  ? 574 HIS A CG  1 
ATOM   235 N ND1 . HIS A 1 36 ? 3.567   1.860   12.274  1.00 8.30  ? 574 HIS A ND1 1 
ATOM   236 C CD2 . HIS A 1 36 ? 3.867   2.260   10.144  1.00 8.13  ? 574 HIS A CD2 1 
ATOM   237 C CE1 . HIS A 1 36 ? 3.835   3.149   12.149  1.00 9.79  ? 574 HIS A CE1 1 
ATOM   238 N NE2 . HIS A 1 36 ? 4.039   3.411   10.869  1.00 9.34  ? 574 HIS A NE2 1 
ATOM   239 N N   . PRO A 1 37 ? 4.950   -3.320  12.034  1.00 6.05  ? 575 PRO A N   1 
ATOM   240 C CA  . PRO A 1 37 ? 4.759   -4.772  12.030  1.00 6.66  ? 575 PRO A CA  1 
ATOM   241 C C   . PRO A 1 37 ? 3.362   -5.288  12.328  1.00 7.86  ? 575 PRO A C   1 
ATOM   242 O O   . PRO A 1 37 ? 3.039   -6.382  11.854  1.00 10.40 ? 575 PRO A O   1 
ATOM   243 C CB  . PRO A 1 37 ? 5.750   -5.265  13.085  1.00 6.52  ? 575 PRO A CB  1 
ATOM   244 C CG  . PRO A 1 37 ? 6.842   -4.243  13.068  1.00 6.68  ? 575 PRO A CG  1 
ATOM   245 C CD  . PRO A 1 37 ? 6.103   -2.929  12.866  1.00 5.67  ? 575 PRO A CD  1 
ATOM   246 N N   . THR A 1 38 ? 2.552   -4.585  13.121  1.00 6.78  ? 576 THR A N   1 
ATOM   247 C CA  . THR A 1 38 ? 1.170   -5.084  13.247  1.00 6.64  ? 576 THR A CA  1 
ATOM   248 C C   . THR A 1 38 ? 0.164   -4.441  12.306  1.00 7.27  ? 576 THR A C   1 
ATOM   249 O O   . THR A 1 38 ? -0.679  -5.155  11.773  1.00 7.07  ? 576 THR A O   1 
ATOM   250 C CB  . THR A 1 38 ? 0.603   -5.374  14.695  1.00 9.61  ? 576 THR A CB  1 
ATOM   251 O OG1 . THR A 1 38 ? -0.694  -4.782  14.928  1.00 8.65  ? 576 THR A OG1 1 
ATOM   252 C CG2 . THR A 1 38 ? 1.582   -5.134  15.781  1.00 2.10  ? 576 THR A CG2 1 
ATOM   253 N N   . LEU A 1 39 ? 0.279   -3.137  12.040  1.00 6.45  ? 577 LEU A N   1 
ATOM   254 C CA  . LEU A 1 39 ? -0.704  -2.468  11.182  1.00 7.36  ? 577 LEU A CA  1 
ATOM   255 C C   . LEU A 1 39 ? -0.462  -2.662  9.683   1.00 6.77  ? 577 LEU A C   1 
ATOM   256 O O   . LEU A 1 39 ? -1.268  -2.212  8.867   1.00 6.46  ? 577 LEU A O   1 
ATOM   257 C CB  . LEU A 1 39 ? -0.788  -0.979  11.522  1.00 8.09  ? 577 LEU A CB  1 
ATOM   258 C CG  . LEU A 1 39 ? -1.249  -0.592  12.929  1.00 10.67 ? 577 LEU A CG  1 
ATOM   259 C CD1 . LEU A 1 39 ? -1.153  0.919   13.094  1.00 13.25 ? 577 LEU A CD1 1 
ATOM   260 C CD2 . LEU A 1 39 ? -2.659  -1.074  13.204  1.00 13.33 ? 577 LEU A CD2 1 
ATOM   261 N N   . ALA A 1 40 ? 0.613   -3.363  9.323   1.00 6.30  ? 578 ALA A N   1 
ATOM   262 C CA  . ALA A 1 40 ? 1.033   -3.453  7.918   1.00 6.38  ? 578 ALA A CA  1 
ATOM   263 C C   . ALA A 1 40 ? -0.068  -3.905  6.966   1.00 5.96  ? 578 ALA A C   1 
ATOM   264 O O   . ALA A 1 40 ? -0.222  -3.323  5.895   1.00 6.02  ? 578 ALA A O   1 
ATOM   265 C CB  . ALA A 1 40 ? 2.220   -4.350  7.783   1.00 7.60  ? 578 ALA A CB  1 
ATOM   266 N N   . GLY A 1 41 ? -0.825  -4.941  7.319   1.00 5.66  ? 579 GLY A N   1 
ATOM   267 C CA  . GLY A 1 41 ? -1.852  -5.437  6.411   1.00 5.78  ? 579 GLY A CA  1 
ATOM   268 C C   . GLY A 1 41 ? -2.918  -4.389  6.139   1.00 5.17  ? 579 GLY A C   1 
ATOM   269 O O   . GLY A 1 41 ? -3.324  -4.157  4.981   1.00 5.47  ? 579 GLY A O   1 
ATOM   270 N N   . LYS A 1 42 ? -3.372  -3.737  7.203   1.00 5.22  ? 580 LYS A N   1 
ATOM   271 C CA  . LYS A 1 42 ? -4.389  -2.714  7.081   1.00 5.60  ? 580 LYS A CA  1 
ATOM   272 C C   . LYS A 1 42 ? -3.864  -1.489  6.332   1.00 5.10  ? 580 LYS A C   1 
ATOM   273 O O   . LYS A 1 42 ? -4.546  -0.972  5.441   1.00 5.55  ? 580 LYS A O   1 
ATOM   274 C CB  . LYS A 1 42 ? -4.934  -2.329  8.461   1.00 6.01  ? 580 LYS A CB  1 
ATOM   275 C CG  . LYS A 1 42 ? -6.085  -1.337  8.437   1.00 7.23  ? 580 LYS A CG  1 
ATOM   276 C CD  . LYS A 1 42 ? -7.316  -1.889  7.740   1.00 9.05  ? 580 LYS A CD  1 
ATOM   277 C CE  . LYS A 1 42 ? -8.490  -0.972  7.935   1.00 10.35 ? 580 LYS A CE  1 
ATOM   278 N NZ  . LYS A 1 42 ? -9.702  -1.544  7.303   1.00 10.22 ? 580 LYS A NZ  1 
ATOM   279 N N   . ILE A 1 43 ? -2.663  -1.030  6.667   1.00 5.08  ? 581 ILE A N   1 
ATOM   280 C CA  A ILE A 1 43 ? -2.101  0.136   6.001   0.50 5.31  ? 581 ILE A CA  1 
ATOM   281 C CA  B ILE A 1 43 ? -2.084  0.136   6.000   0.50 5.43  ? 581 ILE A CA  1 
ATOM   282 C C   . ILE A 1 43 ? -1.850  -0.161  4.524   1.00 4.89  ? 581 ILE A C   1 
ATOM   283 O O   . ILE A 1 43 ? -2.136  0.676   3.668   1.00 5.17  ? 581 ILE A O   1 
ATOM   284 C CB  A ILE A 1 43 ? -0.816  0.632   6.710   0.50 5.29  ? 581 ILE A CB  1 
ATOM   285 C CB  B ILE A 1 43 ? -0.753  0.579   6.645   0.50 5.56  ? 581 ILE A CB  1 
ATOM   286 C CG1 A ILE A 1 43 ? -1.122  1.076   8.151   0.50 5.94  ? 581 ILE A CG1 1 
ATOM   287 C CG1 B ILE A 1 43 ? -0.938  0.928   8.125   0.50 6.49  ? 581 ILE A CG1 1 
ATOM   288 C CG2 A ILE A 1 43 ? -0.145  1.757   5.918   0.50 6.24  ? 581 ILE A CG2 1 
ATOM   289 C CG2 B ILE A 1 43 ? -0.168  1.775   5.890   0.50 6.41  ? 581 ILE A CG2 1 
ATOM   290 C CD1 A ILE A 1 43 ? -2.179  2.159   8.276   0.50 6.27  ? 581 ILE A CD1 1 
ATOM   291 C CD1 B ILE A 1 43 ? 0.372   1.017   8.891   0.50 7.75  ? 581 ILE A CD1 1 
ATOM   292 N N   . THR A 1 44 ? -1.333  -1.349  4.221   1.00 4.78  ? 582 THR A N   1 
ATOM   293 C CA  . THR A 1 44 ? -1.134  -1.707  2.829   1.00 5.32  ? 582 THR A CA  1 
ATOM   294 C C   . THR A 1 44 ? -2.464  -1.681  2.074   1.00 4.96  ? 582 THR A C   1 
ATOM   295 O O   . THR A 1 44 ? -2.540  -1.137  0.974   1.00 5.14  ? 582 THR A O   1 
ATOM   296 C CB  . THR A 1 44 ? -0.414  -3.068  2.676   1.00 5.58  ? 582 THR A CB  1 
ATOM   297 O OG1 . THR A 1 44 ? 0.859   -3.030  3.335   1.00 5.96  ? 582 THR A OG1 1 
ATOM   298 C CG2 . THR A 1 44 ? -0.179  -3.408  1.209   1.00 5.77  ? 582 THR A CG2 1 
ATOM   299 N N   . GLY A 1 45 ? -3.511  -2.263  2.659   1.00 5.13  ? 583 GLY A N   1 
ATOM   300 C CA  . GLY A 1 45 ? -4.837  -2.215  2.046   1.00 5.27  ? 583 GLY A CA  1 
ATOM   301 C C   . GLY A 1 45 ? -5.316  -0.802  1.775   1.00 4.77  ? 583 GLY A C   1 
ATOM   302 O O   . GLY A 1 45 ? -5.888  -0.529  0.726   1.00 5.71  ? 583 GLY A O   1 
ATOM   303 N N   . MET A 1 46 ? -5.098  0.095   2.732   1.00 4.84  ? 584 MET A N   1 
ATOM   304 C CA  . MET A 1 46 ? -5.518  1.485   2.568   1.00 5.04  ? 584 MET A CA  1 
ATOM   305 C C   . MET A 1 46 ? -4.742  2.143   1.444   1.00 4.80  ? 584 MET A C   1 
ATOM   306 O O   . MET A 1 46 ? -5.312  2.837   0.597   1.00 5.12  ? 584 MET A O   1 
ATOM   307 C CB  . MET A 1 46 ? -5.346  2.256   3.882   1.00 5.01  ? 584 MET A CB  1 
ATOM   308 C CG  . MET A 1 46 ? -6.274  1.765   5.006   1.00 5.86  ? 584 MET A CG  1 
ATOM   309 S SD  . MET A 1 46 ? -5.842  2.350   6.665   1.00 7.21  ? 584 MET A SD  1 
ATOM   310 C CE  . MET A 1 46 ? -6.155  4.095   6.466   1.00 8.35  ? 584 MET A CE  1 
ATOM   311 N N   . LEU A 1 47 ? -3.441  1.907   1.416   1.00 4.87  ? 585 LEU A N   1 
ATOM   312 C CA  . LEU A 1 47 ? -2.629  2.498   0.350   1.00 5.35  ? 585 LEU A CA  1 
ATOM   313 C C   . LEU A 1 47 ? -2.959  1.954   -1.037  1.00 5.61  ? 585 LEU A C   1 
ATOM   314 O O   . LEU A 1 47 ? -2.841  2.668   -2.022  1.00 5.63  ? 585 LEU A O   1 
ATOM   315 C CB  . LEU A 1 47 ? -1.136  2.368   0.662   1.00 5.29  ? 585 LEU A CB  1 
ATOM   316 C CG  . LEU A 1 47 ? -0.533  3.551   1.436   1.00 6.29  ? 585 LEU A CG  1 
ATOM   317 C CD1 . LEU A 1 47 ? -1.242  3.866   2.745   1.00 7.80  ? 585 LEU A CD1 1 
ATOM   318 C CD2 . LEU A 1 47 ? 0.940   3.274   1.681   1.00 6.64  ? 585 LEU A CD2 1 
ATOM   319 N N   . LEU A 1 48 ? -3.413  0.707   -1.115  1.00 5.57  ? 586 LEU A N   1 
ATOM   320 C CA  . LEU A 1 48 ? -3.701  0.116   -2.420  1.00 6.27  ? 586 LEU A CA  1 
ATOM   321 C C   . LEU A 1 48 ? -4.894  0.744   -3.121  1.00 6.34  ? 586 LEU A C   1 
ATOM   322 O O   . LEU A 1 48 ? -5.134  0.465   -4.287  1.00 7.33  ? 586 LEU A O   1 
ATOM   323 C CB  . LEU A 1 48 ? -3.867  -1.407  -2.316  1.00 6.20  ? 586 LEU A CB  1 
ATOM   324 C CG  . LEU A 1 48 ? -2.573  -2.196  -2.126  1.00 7.19  ? 586 LEU A CG  1 
ATOM   325 C CD1 . LEU A 1 48 ? -2.909  -3.677  -1.902  1.00 9.40  ? 586 LEU A CD1 1 
ATOM   326 C CD2 . LEU A 1 48 ? -1.649  -1.999  -3.323  1.00 9.43  ? 586 LEU A CD2 1 
ATOM   327 N N   . GLU A 1 49 ? -5.634  1.608   -2.433  1.00 5.73  ? 587 GLU A N   1 
ATOM   328 C CA  . GLU A 1 49 ? -6.711  2.346   -3.085  1.00 6.22  ? 587 GLU A CA  1 
ATOM   329 C C   . GLU A 1 49 ? -6.186  3.540   -3.886  1.00 5.96  ? 587 GLU A C   1 
ATOM   330 O O   . GLU A 1 49 ? -6.922  4.127   -4.672  1.00 7.52  ? 587 GLU A O   1 
ATOM   331 C CB  . GLU A 1 49 ? -7.754  2.761   -2.053  1.00 7.04  ? 587 GLU A CB  1 
ATOM   332 C CG  . GLU A 1 49 ? -8.381  1.525   -1.385  1.00 9.45  ? 587 GLU A CG  1 
ATOM   333 C CD  . GLU A 1 49 ? -9.671  1.812   -0.637  1.00 12.72 ? 587 GLU A CD  1 
ATOM   334 O OE1 . GLU A 1 49 ? -9.935  2.996   -0.339  1.00 14.02 ? 587 GLU A OE1 1 
ATOM   335 O OE2 . GLU A 1 49 ? -10.423 0.844   -0.342  1.00 12.75 ? 587 GLU A OE2 1 
ATOM   336 N N   . ILE A 1 50 ? -4.916  3.892   -3.688  1.00 5.49  ? 588 ILE A N   1 
ATOM   337 C CA  . ILE A 1 50 ? -4.272  4.931   -4.477  1.00 5.46  ? 588 ILE A CA  1 
ATOM   338 C C   . ILE A 1 50 ? -4.107  4.411   -5.919  1.00 5.17  ? 588 ILE A C   1 
ATOM   339 O O   . ILE A 1 50 ? -4.005  3.195   -6.140  1.00 6.37  ? 588 ILE A O   1 
ATOM   340 C CB  . ILE A 1 50 ? -2.923  5.305   -3.818  1.00 5.02  ? 588 ILE A CB  1 
ATOM   341 C CG1 . ILE A 1 50 ? -3.163  5.981   -2.464  1.00 6.00  ? 588 ILE A CG1 1 
ATOM   342 C CG2 . ILE A 1 50 ? -2.066  6.184   -4.724  1.00 5.25  ? 588 ILE A CG2 1 
ATOM   343 C CD1 . ILE A 1 50 ? -1.913  6.053   -1.611  1.00 6.54  ? 588 ILE A CD1 1 
ATOM   344 N N   . ASP A 1 51 ? -4.064  5.307   -6.909  1.00 5.59  ? 589 ASP A N   1 
ATOM   345 C CA  . ASP A 1 51 ? -3.913  4.841   -8.282  1.00 6.07  ? 589 ASP A CA  1 
ATOM   346 C C   . ASP A 1 51 ? -2.556  4.194   -8.533  1.00 6.21  ? 589 ASP A C   1 
ATOM   347 O O   . ASP A 1 51 ? -1.598  4.400   -7.770  1.00 5.67  ? 589 ASP A O   1 
ATOM   348 C CB  . ASP A 1 51 ? -4.310  5.913   -9.323  1.00 6.99  ? 589 ASP A CB  1 
ATOM   349 C CG  . ASP A 1 51 ? -3.268  7.023   -9.536  1.00 8.08  ? 589 ASP A CG  1 
ATOM   350 O OD1 . ASP A 1 51 ? -3.689  8.081   -10.091 1.00 8.87  ? 589 ASP A OD1 1 
ATOM   351 O OD2 . ASP A 1 51 ? -2.069  6.892   -9.230  1.00 9.12  ? 589 ASP A OD2 1 
ATOM   352 N N   . ASN A 1 52 ? -2.495  3.369   -9.577  1.00 6.05  ? 590 ASN A N   1 
ATOM   353 C CA  . ASN A 1 52 ? -1.338  2.521   -9.784  1.00 6.46  ? 590 ASN A CA  1 
ATOM   354 C C   . ASN A 1 52 ? -0.078  3.277   -10.131 1.00 6.02  ? 590 ASN A C   1 
ATOM   355 O O   . ASN A 1 52 ? 1.007   2.863   -9.710  1.00 5.20  ? 590 ASN A O   1 
ATOM   356 C CB  . ASN A 1 52 ? -1.645  1.427   -10.804 1.00 7.31  ? 590 ASN A CB  1 
ATOM   357 C CG  . ASN A 1 52 ? -2.638  0.405   -10.274 1.00 8.28  ? 590 ASN A CG  1 
ATOM   358 O OD1 . ASN A 1 52 ? -2.918  0.350   -9.074  1.00 9.38  ? 590 ASN A OD1 1 
ATOM   359 N ND2 . ASN A 1 52 ? -3.173  -0.408  -11.167 1.00 11.41 ? 590 ASN A ND2 1 
ATOM   360 N N   . SER A 1 53 ? -0.210  4.391   -10.854 1.00 5.90  ? 591 SER A N   1 
ATOM   361 C CA  A SER A 1 53 ? 0.964   5.190   -11.192 0.50 6.37  ? 591 SER A CA  1 
ATOM   362 C CA  B SER A 1 53 ? 0.958   5.204   -11.189 0.50 6.05  ? 591 SER A CA  1 
ATOM   363 C C   . SER A 1 53 ? 1.623   5.734   -9.921  1.00 5.81  ? 591 SER A C   1 
ATOM   364 O O   . SER A 1 53 ? 2.846   5.663   -9.758  1.00 6.00  ? 591 SER A O   1 
ATOM   365 C CB  A SER A 1 53 ? 0.601   6.320   -12.159 0.50 6.57  ? 591 SER A CB  1 
ATOM   366 C CB  B SER A 1 53 ? 0.572   6.359   -12.112 0.50 6.18  ? 591 SER A CB  1 
ATOM   367 O OG  A SER A 1 53 ? -0.379  7.179   -11.606 0.50 9.53  ? 591 SER A OG  1 
ATOM   368 O OG  B SER A 1 53 ? 1.673   7.230   -12.313 0.50 7.26  ? 591 SER A OG  1 
ATOM   369 N N   . GLU A 1 54 ? 0.814   6.272   -9.019  1.00 5.35  ? 592 GLU A N   1 
ATOM   370 C CA  . GLU A 1 54 ? 1.332   6.791   -7.768  1.00 5.50  ? 592 GLU A CA  1 
ATOM   371 C C   . GLU A 1 54 ? 1.891   5.677   -6.872  1.00 5.09  ? 592 GLU A C   1 
ATOM   372 O O   . GLU A 1 54 ? 2.910   5.876   -6.212  1.00 5.13  ? 592 GLU A O   1 
ATOM   373 C CB  . GLU A 1 54 ? 0.279   7.657   -7.060  1.00 5.95  ? 592 GLU A CB  1 
ATOM   374 C CG  . GLU A 1 54 ? 0.667   8.214   -5.680  1.00 6.41  ? 592 GLU A CG  1 
ATOM   375 C CD  . GLU A 1 54 ? 1.898   9.106   -5.665  1.00 7.12  ? 592 GLU A CD  1 
ATOM   376 O OE1 . GLU A 1 54 ? 2.416   9.374   -4.547  1.00 8.76  ? 592 GLU A OE1 1 
ATOM   377 O OE2 . GLU A 1 54 ? 2.351   9.560   -6.737  1.00 9.35  ? 592 GLU A OE2 1 
ATOM   378 N N   . LEU A 1 55 ? 1.244   4.515   -6.850  1.00 4.71  ? 593 LEU A N   1 
ATOM   379 C CA  . LEU A 1 55 ? 1.775   3.391   -6.081  1.00 5.08  ? 593 LEU A CA  1 
ATOM   380 C C   . LEU A 1 55 ? 3.150   2.952   -6.580  1.00 4.67  ? 593 LEU A C   1 
ATOM   381 O O   . LEU A 1 55 ? 4.043   2.666   -5.781  1.00 4.87  ? 593 LEU A O   1 
ATOM   382 C CB  . LEU A 1 55 ? 0.814   2.208   -6.105  1.00 5.72  ? 593 LEU A CB  1 
ATOM   383 C CG  . LEU A 1 55 ? -0.423  2.394   -5.230  1.00 5.72  ? 593 LEU A CG  1 
ATOM   384 C CD1 . LEU A 1 55 ? -1.399  1.277   -5.516  1.00 7.02  ? 593 LEU A CD1 1 
ATOM   385 C CD2 . LEU A 1 55 ? -0.065  2.418   -3.741  1.00 8.15  ? 593 LEU A CD2 1 
ATOM   386 N N   . LEU A 1 56 ? 3.329   2.895   -7.897  1.00 4.36  ? 594 LEU A N   1 
ATOM   387 C CA  . LEU A 1 56 ? 4.633   2.565   -8.439  1.00 5.34  ? 594 LEU A CA  1 
ATOM   388 C C   . LEU A 1 56 ? 5.659   3.628   -8.051  1.00 4.71  ? 594 LEU A C   1 
ATOM   389 O O   . LEU A 1 56 ? 6.783   3.295   -7.664  1.00 5.58  ? 594 LEU A O   1 
ATOM   390 C CB  . LEU A 1 56 ? 4.559   2.384   -9.957  1.00 6.08  ? 594 LEU A CB  1 
ATOM   391 C CG  . LEU A 1 56 ? 5.873   1.965   -10.612 1.00 8.01  ? 594 LEU A CG  1 
ATOM   392 C CD1 . LEU A 1 56 ? 6.392   0.642   -10.062 1.00 8.94  ? 594 LEU A CD1 1 
ATOM   393 C CD2 . LEU A 1 56 ? 5.689   1.882   -12.103 1.00 9.57  ? 594 LEU A CD2 1 
ATOM   394 N N   . HIS A 1 57 ? 5.274   4.899   -8.127  1.00 4.81  ? 595 HIS A N   1 
ATOM   395 C CA  . HIS A 1 57 ? 6.162   5.961   -7.652  1.00 5.03  ? 595 HIS A CA  1 
ATOM   396 C C   . HIS A 1 57 ? 6.538   5.793   -6.168  1.00 5.01  ? 595 HIS A C   1 
ATOM   397 O O   . HIS A 1 57 ? 7.687   5.989   -5.782  1.00 4.95  ? 595 HIS A O   1 
ATOM   398 C CB  . HIS A 1 57 ? 5.549   7.349   -7.869  1.00 5.66  ? 595 HIS A CB  1 
ATOM   399 C CG  . HIS A 1 57 ? 6.449   8.452   -7.428  1.00 6.84  ? 595 HIS A CG  1 
ATOM   400 N ND1 . HIS A 1 57 ? 6.187   9.254   -6.338  1.00 9.69  ? 595 HIS A ND1 1 
ATOM   401 C CD2 . HIS A 1 57 ? 7.659   8.831   -7.896  1.00 7.83  ? 595 HIS A CD2 1 
ATOM   402 C CE1 . HIS A 1 57 ? 7.183   10.110  -6.183  1.00 7.67  ? 595 HIS A CE1 1 
ATOM   403 N NE2 . HIS A 1 57 ? 8.086   9.873   -7.110  1.00 9.53  ? 595 HIS A NE2 1 
ATOM   404 N N   . MET A 1 58 ? 5.564   5.438   -5.338  1.00 4.60  ? 596 MET A N   1 
ATOM   405 C CA  . MET A 1 58 ? 5.819   5.191   -3.920  1.00 5.37  ? 596 MET A CA  1 
ATOM   406 C C   . MET A 1 58 ? 6.790   4.042   -3.688  1.00 5.39  ? 596 MET A C   1 
ATOM   407 O O   . MET A 1 58 ? 7.620   4.096   -2.767  1.00 5.58  ? 596 MET A O   1 
ATOM   408 C CB  . MET A 1 58 ? 4.503   4.907   -3.204  1.00 4.95  ? 596 MET A CB  1 
ATOM   409 C CG  . MET A 1 58 ? 3.622   6.163   -3.054  1.00 5.60  ? 596 MET A CG  1 
ATOM   410 S SD  . MET A 1 58 ? 1.870   5.795   -2.873  1.00 6.65  ? 596 MET A SD  1 
ATOM   411 C CE  . MET A 1 58 ? 1.906   4.806   -1.360  1.00 6.95  ? 596 MET A CE  1 
ATOM   412 N N   . LEU A 1 59 ? 6.698   3.004   -4.513  1.00 5.30  ? 597 LEU A N   1 
ATOM   413 C CA  . LEU A 1 59 ? 7.633   1.905   -4.442  1.00 6.48  ? 597 LEU A CA  1 
ATOM   414 C C   . LEU A 1 59 ? 9.056   2.356   -4.725  1.00 6.62  ? 597 LEU A C   1 
ATOM   415 O O   . LEU A 1 59 ? 9.988   1.831   -4.122  1.00 7.42  ? 597 LEU A O   1 
ATOM   416 C CB  . LEU A 1 59 ? 7.216   0.809   -5.417  1.00 6.35  ? 597 LEU A CB  1 
ATOM   417 C CG  . LEU A 1 59 ? 6.544   -0.378  -4.751  1.00 10.41 ? 597 LEU A CG  1 
ATOM   418 C CD1 . LEU A 1 59 ? 5.752   -1.169  -5.764  1.00 11.67 ? 597 LEU A CD1 1 
ATOM   419 C CD2 . LEU A 1 59 ? 7.634   -1.248  -4.082  1.00 11.69 ? 597 LEU A CD2 1 
ATOM   420 N N   . GLU A 1 60 ? 9.213   3.326   -5.631  1.00 6.38  ? 598 GLU A N   1 
ATOM   421 C CA  . GLU A 1 60 ? 10.532  3.827   -6.058  1.00 7.42  ? 598 GLU A CA  1 
ATOM   422 C C   . GLU A 1 60 ? 11.081  4.988   -5.220  1.00 6.69  ? 598 GLU A C   1 
ATOM   423 O O   . GLU A 1 60 ? 12.276  5.296   -5.290  1.00 7.71  ? 598 GLU A O   1 
ATOM   424 C CB  . GLU A 1 60 ? 10.486  4.239   -7.528  1.00 8.34  ? 598 GLU A CB  1 
ATOM   425 C CG  . GLU A 1 60 ? 9.860   3.180   -8.429  1.00 11.41 ? 598 GLU A CG  1 
ATOM   426 C CD  . GLU A 1 60 ? 10.702  2.837   -9.628  1.00 14.47 ? 598 GLU A CD  1 
ATOM   427 O OE1 . GLU A 1 60 ? 11.680  3.561   -9.910  1.00 16.28 ? 598 GLU A OE1 1 
ATOM   428 O OE2 . GLU A 1 60 ? 10.390  1.824   -10.288 1.00 17.36 ? 598 GLU A OE2 1 
ATOM   429 N N   . SER A 1 61 ? 10.219  5.606   -4.416  1.00 5.63  ? 599 SER A N   1 
ATOM   430 C CA  . SER A 1 61 ? 10.545  6.806   -3.645  1.00 5.32  ? 599 SER A CA  1 
ATOM   431 C C   . SER A 1 61 ? 10.224  6.625   -2.161  1.00 5.35  ? 599 SER A C   1 
ATOM   432 O O   . SER A 1 61 ? 9.077   6.803   -1.750  1.00 5.17  ? 599 SER A O   1 
ATOM   433 C CB  . SER A 1 61 ? 9.777   7.997   -4.210  1.00 5.82  ? 599 SER A CB  1 
ATOM   434 O OG  . SER A 1 61 ? 10.019  9.152   -3.436  1.00 6.23  ? 599 SER A OG  1 
ATOM   435 N N   . PRO A 1 62 ? 11.231  6.234   -1.350  1.00 4.48  ? 600 PRO A N   1 
ATOM   436 C CA  . PRO A 1 62 ? 10.973  5.980   0.078   1.00 4.78  ? 600 PRO A CA  1 
ATOM   437 C C   . PRO A 1 62 ? 10.291  7.124   0.832   1.00 4.94  ? 600 PRO A C   1 
ATOM   438 O O   . PRO A 1 62 ? 9.405   6.866   1.651   1.00 5.16  ? 600 PRO A O   1 
ATOM   439 C CB  . PRO A 1 62 ? 12.367  5.694   0.644   1.00 4.36  ? 600 PRO A CB  1 
ATOM   440 C CG  . PRO A 1 62 ? 13.139  5.138   -0.535  1.00 4.77  ? 600 PRO A CG  1 
ATOM   441 C CD  . PRO A 1 62 ? 12.627  5.917   -1.728  1.00 5.38  ? 600 PRO A CD  1 
ATOM   442 N N   . GLU A 1 63 ? 10.673  8.370   0.547   1.00 5.11  ? 601 GLU A N   1 
ATOM   443 C CA  . GLU A 1 63 ? 10.044  9.508   1.210   1.00 5.90  ? 601 GLU A CA  1 
ATOM   444 C C   . GLU A 1 63 ? 8.552   9.590   0.847   1.00 5.36  ? 601 GLU A C   1 
ATOM   445 O O   . GLU A 1 63 ? 7.719   9.927   1.690   1.00 5.59  ? 601 GLU A O   1 
ATOM   446 C CB  . GLU A 1 63 ? 10.760  10.814  0.849   1.00 6.57  ? 601 GLU A CB  1 
ATOM   447 C CG  . GLU A 1 63 ? 12.252  10.701  0.557   1.00 12.32 ? 601 GLU A CG  1 
ATOM   448 C CD  . GLU A 1 63 ? 12.563  10.748  -0.941  1.00 16.41 ? 601 GLU A CD  1 
ATOM   449 O OE1 . GLU A 1 63 ? 12.294  9.749   -1.666  1.00 18.23 ? 601 GLU A OE1 1 
ATOM   450 O OE2 . GLU A 1 63 ? 13.089  11.805  -1.380  1.00 17.79 ? 601 GLU A OE2 1 
ATOM   451 N N   . SER A 1 64 ? 8.223   9.268   -0.400  1.00 5.23  ? 602 SER A N   1 
ATOM   452 C CA  . SER A 1 64 ? 6.827   9.287   -0.843  1.00 5.09  ? 602 SER A CA  1 
ATOM   453 C C   . SER A 1 64 ? 6.012   8.206   -0.156  1.00 5.55  ? 602 SER A C   1 
ATOM   454 O O   . SER A 1 64 ? 4.891   8.456   0.311   1.00 6.05  ? 602 SER A O   1 
ATOM   455 C CB  . SER A 1 64 ? 6.749   9.121   -2.354  1.00 5.61  ? 602 SER A CB  1 
ATOM   456 O OG  . SER A 1 64 ? 7.479   10.129  -3.028  1.00 6.69  ? 602 SER A OG  1 
ATOM   457 N N   . LEU A 1 65 ? 6.573   7.003   -0.086  1.00 4.44  ? 603 LEU A N   1 
ATOM   458 C CA  . LEU A 1 65 ? 5.883   5.915   0.615   1.00 4.68  ? 603 LEU A CA  1 
ATOM   459 C C   . LEU A 1 65 ? 5.671   6.295   2.084   1.00 5.70  ? 603 LEU A C   1 
ATOM   460 O O   . LEU A 1 65 ? 4.574   6.103   2.620   1.00 6.27  ? 603 LEU A O   1 
ATOM   461 C CB  . LEU A 1 65 ? 6.661   4.604   0.505   1.00 4.43  ? 603 LEU A CB  1 
ATOM   462 C CG  . LEU A 1 65 ? 6.063   3.413   1.274   1.00 4.04  ? 603 LEU A CG  1 
ATOM   463 C CD1 . LEU A 1 65 ? 4.644   3.087   0.828   1.00 6.57  ? 603 LEU A CD1 1 
ATOM   464 C CD2 . LEU A 1 65 ? 6.961   2.208   1.097   1.00 5.35  ? 603 LEU A CD2 1 
ATOM   465 N N   . ARG A 1 66 ? 6.707   6.820   2.736   1.00 5.71  ? 604 ARG A N   1 
ATOM   466 C CA  . ARG A 1 66 ? 6.591   7.141   4.159   1.00 6.56  ? 604 ARG A CA  1 
ATOM   467 C C   . ARG A 1 66 ? 5.524   8.199   4.427   1.00 6.83  ? 604 ARG A C   1 
ATOM   468 O O   . ARG A 1 66 ? 4.783   8.094   5.408   1.00 7.12  ? 604 ARG A O   1 
ATOM   469 C CB  . ARG A 1 66 ? 7.945   7.559   4.723   1.00 6.91  ? 604 ARG A CB  1 
ATOM   470 C CG  . ARG A 1 66 ? 7.953   7.777   6.238   1.00 10.28 ? 604 ARG A CG  1 
ATOM   471 C CD  . ARG A 1 66 ? 9.231   8.498   6.633   1.00 11.82 ? 604 ARG A CD  1 
ATOM   472 N NE  . ARG A 1 66 ? 9.628   8.245   8.010   1.00 18.46 ? 604 ARG A NE  1 
ATOM   473 C CZ  . ARG A 1 66 ? 10.689  8.807   8.570   1.00 17.49 ? 604 ARG A CZ  1 
ATOM   474 N NH1 . ARG A 1 66 ? 11.422  9.661   7.873   1.00 20.04 ? 604 ARG A NH1 1 
ATOM   475 N NH2 . ARG A 1 66 ? 11.004  8.534   9.829   1.00 19.88 ? 604 ARG A NH2 1 
ATOM   476 N N   . SER A 1 67 ? 5.432   9.206   3.566   1.00 6.67  ? 605 SER A N   1 
ATOM   477 C CA  . SER A 1 67 ? 4.417   10.243  3.746   1.00 7.30  ? 605 SER A CA  1 
ATOM   478 C C   . SER A 1 67 ? 3.007   9.654   3.690   1.00 6.98  ? 605 SER A C   1 
ATOM   479 O O   . SER A 1 67 ? 2.154   10.011  4.489   1.00 7.47  ? 605 SER A O   1 
ATOM   480 C CB  . SER A 1 67 ? 4.558   11.337  2.683   1.00 7.90  ? 605 SER A CB  1 
ATOM   481 O OG  . SER A 1 67 ? 3.514   12.291  2.769   1.00 12.70 ? 605 SER A OG  1 
ATOM   482 N N   . LYS A 1 68 ? 2.774   8.727   2.763   1.00 6.38  ? 606 LYS A N   1 
ATOM   483 C CA  . LYS A 1 68 ? 1.448   8.110   2.639   1.00 6.52  ? 606 LYS A CA  1 
ATOM   484 C C   . LYS A 1 68 ? 1.159   7.177   3.804   1.00 6.40  ? 606 LYS A C   1 
ATOM   485 O O   . LYS A 1 68 ? 0.056   7.165   4.338   1.00 6.38  ? 606 LYS A O   1 
ATOM   486 C CB  . LYS A 1 68 ? 1.338   7.355   1.315   1.00 6.80  ? 606 LYS A CB  1 
ATOM   487 C CG  . LYS A 1 68 ? 1.463   8.235   0.075   1.00 9.56  ? 606 LYS A CG  1 
ATOM   488 C CD  . LYS A 1 68 ? 0.202   8.991   -0.215  1.00 12.00 ? 606 LYS A CD  1 
ATOM   489 C CE  . LYS A 1 68 ? 0.266   9.601   -1.607  1.00 11.70 ? 606 LYS A CE  1 
ATOM   490 N NZ  . LYS A 1 68 ? 1.102   10.840  -1.707  1.00 13.17 ? 606 LYS A NZ  1 
ATOM   491 N N   . VAL A 1 69 ? 2.164   6.400   4.192   1.00 5.51  ? 607 VAL A N   1 
ATOM   492 C CA  . VAL A 1 69 ? 2.046   5.535   5.375   1.00 5.52  ? 607 VAL A CA  1 
ATOM   493 C C   . VAL A 1 69 ? 1.745   6.357   6.628   1.00 5.81  ? 607 VAL A C   1 
ATOM   494 O O   . VAL A 1 69 ? 0.860   6.000   7.409   1.00 5.60  ? 607 VAL A O   1 
ATOM   495 C CB  . VAL A 1 69 ? 3.318   4.670   5.598   1.00 5.03  ? 607 VAL A CB  1 
ATOM   496 C CG1 . VAL A 1 69 ? 3.286   3.970   6.960   1.00 4.60  ? 607 VAL A CG1 1 
ATOM   497 C CG2 . VAL A 1 69 ? 3.462   3.647   4.476   1.00 5.21  ? 607 VAL A CG2 1 
ATOM   498 N N   . ASP A 1 70 ? 2.477   7.450   6.826   1.00 5.81  ? 608 ASP A N   1 
ATOM   499 C CA  . ASP A 1 70 ? 2.267   8.276   8.019   1.00 6.11  ? 608 ASP A CA  1 
ATOM   500 C C   . ASP A 1 70 ? 0.843   8.849   8.063   1.00 5.95  ? 608 ASP A C   1 
ATOM   501 O O   . ASP A 1 70 ? 0.221   8.898   9.129   1.00 5.86  ? 608 ASP A O   1 
ATOM   502 C CB  . ASP A 1 70 ? 3.273   9.423   8.058   1.00 5.98  ? 608 ASP A CB  1 
ATOM   503 C CG  . ASP A 1 70 ? 4.678   8.972   8.435   1.00 8.04  ? 608 ASP A CG  1 
ATOM   504 O OD1 . ASP A 1 70 ? 4.880   7.803   8.830   1.00 9.23  ? 608 ASP A OD1 1 
ATOM   505 O OD2 . ASP A 1 70 ? 5.599   9.812   8.332   1.00 8.91  ? 608 ASP A OD2 1 
ATOM   506 N N   . GLU A 1 71 ? 0.322   9.273   6.914   1.00 5.82  ? 609 GLU A N   1 
ATOM   507 C CA  . GLU A 1 71 ? -1.055  9.769   6.851   1.00 5.86  ? 609 GLU A CA  1 
ATOM   508 C C   . GLU A 1 71 ? -2.082  8.665   7.142   1.00 5.63  ? 609 GLU A C   1 
ATOM   509 O O   . GLU A 1 71 ? -3.035  8.876   7.920   1.00 5.43  ? 609 GLU A O   1 
ATOM   510 C CB  . GLU A 1 71 ? -1.326  10.427  5.496   1.00 6.36  ? 609 GLU A CB  1 
ATOM   511 C CG  . GLU A 1 71 ? -2.720  10.998  5.337   1.00 7.97  ? 609 GLU A CG  1 
ATOM   512 C CD  . GLU A 1 71 ? -3.037  12.168  6.267   1.00 9.09  ? 609 GLU A CD  1 
ATOM   513 O OE1 . GLU A 1 71 ? -4.165  12.681  6.196   1.00 8.16  ? 609 GLU A OE1 1 
ATOM   514 O OE2 . GLU A 1 71 ? -2.181  12.581  7.079   1.00 12.99 ? 609 GLU A OE2 1 
ATOM   515 N N   . ALA A 1 72 ? -1.892  7.489   6.541   1.00 5.28  ? 610 ALA A N   1 
ATOM   516 C CA  . ALA A 1 72 ? -2.797  6.370   6.806   1.00 5.25  ? 610 ALA A CA  1 
ATOM   517 C C   . ALA A 1 72 ? -2.778  5.963   8.274   1.00 5.47  ? 610 ALA A C   1 
ATOM   518 O O   . ALA A 1 72 ? -3.835  5.719   8.850   1.00 5.59  ? 610 ALA A O   1 
ATOM   519 C CB  . ALA A 1 72 ? -2.476  5.182   5.893   1.00 5.06  ? 610 ALA A CB  1 
ATOM   520 N N   . VAL A 1 73 ? -1.585  5.902   8.877   1.00 5.28  ? 611 VAL A N   1 
ATOM   521 C CA  . VAL A 1 73 ? -1.451  5.546   10.285  1.00 5.74  ? 611 VAL A CA  1 
ATOM   522 C C   . VAL A 1 73 ? -2.085  6.582   11.213  1.00 5.22  ? 611 VAL A C   1 
ATOM   523 O O   . VAL A 1 73 ? -2.786  6.229   12.160  1.00 5.36  ? 611 VAL A O   1 
ATOM   524 C CB  . VAL A 1 73 ? 0.028   5.286   10.675  1.00 5.42  ? 611 VAL A CB  1 
ATOM   525 C CG1 . VAL A 1 73 ? 0.192   5.122   12.186  1.00 6.19  ? 611 VAL A CG1 1 
ATOM   526 C CG2 . VAL A 1 73 ? 0.538   4.059   9.957   1.00 6.08  ? 611 VAL A CG2 1 
ATOM   527 N N   . ALA A 1 74 ? -1.857  7.865   10.936  1.00 5.49  ? 612 ALA A N   1 
ATOM   528 C CA  . ALA A 1 74 ? -2.473  8.925   11.741  1.00 5.31  ? 612 ALA A CA  1 
ATOM   529 C C   . ALA A 1 74 ? -4.001  8.811   11.728  1.00 5.45  ? 612 ALA A C   1 
ATOM   530 O O   . ALA A 1 74 ? -4.642  8.915   12.770  1.00 6.10  ? 612 ALA A O   1 
ATOM   531 C CB  . ALA A 1 74 ? -2.033  10.297  11.261  1.00 5.59  ? 612 ALA A CB  1 
ATOM   532 N N   . VAL A 1 75 ? -4.576  8.581   10.551  1.00 5.25  ? 613 VAL A N   1 
ATOM   533 C CA  . VAL A 1 75 ? -6.024  8.451   10.410  1.00 5.33  ? 613 VAL A CA  1 
ATOM   534 C C   . VAL A 1 75 ? -6.537  7.162   11.061  1.00 5.75  ? 613 VAL A C   1 
ATOM   535 O O   . VAL A 1 75 ? -7.517  7.188   11.812  1.00 6.43  ? 613 VAL A O   1 
ATOM   536 C CB  . VAL A 1 75 ? -6.444  8.538   8.918   1.00 5.39  ? 613 VAL A CB  1 
ATOM   537 C CG1 . VAL A 1 75 ? -7.910  8.163   8.733   1.00 6.34  ? 613 VAL A CG1 1 
ATOM   538 C CG2 . VAL A 1 75 ? -6.184  9.936   8.390   1.00 5.35  ? 613 VAL A CG2 1 
ATOM   539 N N   . LEU A 1 76 ? -5.864  6.043   10.789  1.00 6.35  ? 614 LEU A N   1 
ATOM   540 C CA  . LEU A 1 76 ? -6.271  4.752   11.357  1.00 6.53  ? 614 LEU A CA  1 
ATOM   541 C C   . LEU A 1 76 ? -6.234  4.769   12.875  1.00 6.42  ? 614 LEU A C   1 
ATOM   542 O O   . LEU A 1 76 ? -7.176  4.298   13.530  1.00 6.28  ? 614 LEU A O   1 
ATOM   543 C CB  . LEU A 1 76 ? -5.402  3.608   10.830  1.00 6.87  ? 614 LEU A CB  1 
ATOM   544 C CG  . LEU A 1 76 ? -5.818  2.211   11.299  1.00 6.81  ? 614 LEU A CG  1 
ATOM   545 C CD1 . LEU A 1 76 ? -7.190  1.852   10.764  1.00 7.92  ? 614 LEU A CD1 1 
ATOM   546 C CD2 . LEU A 1 76 ? -4.787  1.209   10.834  1.00 8.44  ? 614 LEU A CD2 1 
ATOM   547 N N   . GLN A 1 77 ? -5.156  5.312   13.436  1.00 6.95  ? 615 GLN A N   1 
ATOM   548 C CA  . GLN A 1 77 ? -4.983  5.316   14.885  1.00 7.58  ? 615 GLN A CA  1 
ATOM   549 C C   . GLN A 1 77 ? -5.987  6.226   15.581  1.00 6.81  ? 615 GLN A C   1 
ATOM   550 O O   . GLN A 1 77 ? -6.479  5.897   16.662  1.00 6.28  ? 615 GLN A O   1 
ATOM   551 C CB  . GLN A 1 77 ? -3.534  5.623   15.271  1.00 7.94  ? 615 GLN A CB  1 
ATOM   552 C CG  . GLN A 1 77 ? -2.609  4.425   14.998  1.00 10.05 ? 615 GLN A CG  1 
ATOM   553 C CD  . GLN A 1 77 ? -1.191  4.604   15.514  1.00 9.91  ? 615 GLN A CD  1 
ATOM   554 O OE1 . GLN A 1 77 ? -0.579  5.667   15.362  1.00 14.13 ? 615 GLN A OE1 1 
ATOM   555 N NE2 . GLN A 1 77 ? -0.649  3.545   16.104  1.00 12.99 ? 615 GLN A NE2 1 
ATOM   556 N N   . ALA A 1 78 ? -6.316  7.346   14.938  1.00 6.68  ? 616 ALA A N   1 
ATOM   557 C CA  . ALA A 1 78 ? -7.379  8.229   15.407  1.00 6.72  ? 616 ALA A CA  1 
ATOM   558 C C   . ALA A 1 78 ? -8.732  7.513   15.369  1.00 6.62  ? 616 ALA A C   1 
ATOM   559 O O   . ALA A 1 78 ? -9.532  7.634   16.302  1.00 6.61  ? 616 ALA A O   1 
ATOM   560 C CB  . ALA A 1 78 ? -7.417  9.505   14.584  1.00 6.98  ? 616 ALA A CB  1 
ATOM   561 N N   . HIS A 1 79 ? -8.963  6.749   14.300  1.00 6.86  ? 617 HIS A N   1 
ATOM   562 C CA  . HIS A 1 79 ? -10.190 5.959   14.170  1.00 7.69  ? 617 HIS A CA  1 
ATOM   563 C C   . HIS A 1 79 ? -10.301 4.906   15.274  1.00 7.79  ? 617 HIS A C   1 
ATOM   564 O O   . HIS A 1 79 ? -11.354 4.768   15.909  1.00 8.00  ? 617 HIS A O   1 
ATOM   565 C CB  . HIS A 1 79 ? -10.254 5.299   12.787  1.00 7.61  ? 617 HIS A CB  1 
ATOM   566 C CG  . HIS A 1 79 ? -11.556 4.617   12.495  1.00 10.03 ? 617 HIS A CG  1 
ATOM   567 N ND1 . HIS A 1 79 ? -11.716 3.250   12.579  1.00 12.51 ? 617 HIS A ND1 1 
ATOM   568 C CD2 . HIS A 1 79 ? -12.753 5.113   12.106  1.00 10.98 ? 617 HIS A CD2 1 
ATOM   569 C CE1 . HIS A 1 79 ? -12.957 2.933   12.258  1.00 11.00 ? 617 HIS A CE1 1 
ATOM   570 N NE2 . HIS A 1 79 ? -13.610 4.045   11.969  1.00 12.14 ? 617 HIS A NE2 1 
ATOM   571 N N   . GLN A 1 80 ? -9.204  4.187   15.513  1.00 8.39  ? 618 GLN A N   1 
ATOM   572 C CA  . GLN A 1 80 ? -9.148  3.154   16.556  1.00 9.38  ? 618 GLN A CA  1 
ATOM   573 C C   . GLN A 1 80 ? -9.415  3.738   17.936  1.00 9.44  ? 618 GLN A C   1 
ATOM   574 O O   . GLN A 1 80 ? -10.141 3.146   18.738  1.00 9.07  ? 618 GLN A O   1 
ATOM   575 C CB  . GLN A 1 80 ? -7.787  2.456   16.555  1.00 9.34  ? 618 GLN A CB  1 
ATOM   576 C CG  . GLN A 1 80 ? -7.519  1.563   15.339  1.00 10.46 ? 618 GLN A CG  1 
ATOM   577 C CD  . GLN A 1 80 ? -6.090  1.036   15.295  1.00 11.70 ? 618 GLN A CD  1 
ATOM   578 O OE1 . GLN A 1 80 ? -5.180  1.612   15.902  1.00 15.83 ? 618 GLN A OE1 1 
ATOM   579 N NE2 . GLN A 1 80 ? -5.885  -0.058  14.566  1.00 14.20 ? 618 GLN A NE2 1 
ATOM   580 N N   . ALA A 1 81 ? -8.827  4.901   18.201  1.00 9.71  ? 619 ALA A N   1 
ATOM   581 C CA  . ALA A 1 81 ? -8.985  5.589   19.478  1.00 9.96  ? 619 ALA A CA  1 
ATOM   582 C C   . ALA A 1 81 ? -10.426 6.025   19.741  1.00 10.54 ? 619 ALA A C   1 
ATOM   583 O O   . ALA A 1 81 ? -10.943 5.839   20.844  1.00 10.20 ? 619 ALA A O   1 
ATOM   584 C CB  . ALA A 1 81 ? -8.039  6.777   19.558  1.00 9.85  ? 619 ALA A CB  1 
ATOM   585 N N   . LYS A 1 82 ? -11.082 6.602   18.738  1.00 11.72 ? 620 LYS A N   1 
ATOM   586 C CA  . LYS A 1 82 ? -12.456 7.070   18.930  1.00 12.90 ? 620 LYS A CA  1 
ATOM   587 C C   . LYS A 1 82 ? -13.476 5.944   18.723  1.00 12.98 ? 620 LYS A C   1 
ATOM   588 O O   . LYS A 1 82 ? -14.321 5.688   19.586  1.00 13.74 ? 620 LYS A O   1 
ATOM   589 C CB  . LYS A 1 82 ? -12.756 8.296   18.053  1.00 13.50 ? 620 LYS A CB  1 
ATOM   590 C CG  . LYS A 1 82 ? -13.178 7.996   16.635  1.00 14.87 ? 620 LYS A CG  1 
ATOM   591 C CD  . LYS A 1 82 ? -13.152 9.258   15.780  1.00 16.64 ? 620 LYS A CD  1 
ATOM   592 C CE  . LYS A 1 82 ? -14.028 9.113   14.538  1.00 18.36 ? 620 LYS A CE  1 
ATOM   593 N NZ  . LYS A 1 82 ? -13.700 7.907   13.723  1.00 19.03 ? 620 LYS A NZ  1 
ATOM   594 N N   . PHE B 2 1  ? -4.478  12.386  -1.070  1.00 10.24 ? 76  PHE B N   1 
ATOM   595 C CA  . PHE B 2 1  ? -4.876  11.029  -0.609  1.00 9.63  ? 76  PHE B CA  1 
ATOM   596 C C   . PHE B 2 1  ? -5.630  11.113  0.706   1.00 8.86  ? 76  PHE B C   1 
ATOM   597 O O   . PHE B 2 1  ? -5.058  11.490  1.719   1.00 9.75  ? 76  PHE B O   1 
ATOM   598 C CB  . PHE B 2 1  ? -3.610  10.151  -0.489  1.00 10.13 ? 76  PHE B CB  1 
ATOM   599 C CG  . PHE B 2 1  ? -3.755  8.907   0.372   1.00 10.34 ? 76  PHE B CG  1 
ATOM   600 C CD1 . PHE B 2 1  ? -4.676  7.910   0.056   1.00 9.35  ? 76  PHE B CD1 1 
ATOM   601 C CD2 . PHE B 2 1  ? -2.887  8.706   1.458   1.00 11.32 ? 76  PHE B CD2 1 
ATOM   602 C CE1 . PHE B 2 1  ? -4.768  6.751   0.834   1.00 11.02 ? 76  PHE B CE1 1 
ATOM   603 C CE2 . PHE B 2 1  ? -2.969  7.550   2.249   1.00 11.76 ? 76  PHE B CE2 1 
ATOM   604 C CZ  . PHE B 2 1  ? -3.910  6.571   1.932   1.00 11.22 ? 76  PHE B CZ  1 
ATOM   605 N N   . VAL B 2 2  ? -6.918  10.791  0.677   1.00 7.88  ? 77  VAL B N   1 
ATOM   606 C CA  . VAL B 2 2  ? -7.706  10.663  1.900   1.00 7.68  ? 77  VAL B CA  1 
ATOM   607 C C   . VAL B 2 2  ? -7.795  9.183   2.264   1.00 7.69  ? 77  VAL B C   1 
ATOM   608 O O   . VAL B 2 2  ? -8.428  8.409   1.549   1.00 7.92  ? 77  VAL B O   1 
ATOM   609 C CB  . VAL B 2 2  ? -9.124  11.228  1.729   1.00 7.91  ? 77  VAL B CB  1 
ATOM   610 C CG1 . VAL B 2 2  ? -9.918  11.092  3.031   1.00 8.26  ? 77  VAL B CG1 1 
ATOM   611 C CG2 . VAL B 2 2  ? -9.077  12.687  1.280   1.00 8.05  ? 77  VAL B CG2 1 
ATOM   612 N N   . PRO B 2 3  ? -7.143  8.769   3.357   1.00 7.43  ? 78  PRO B N   1 
ATOM   613 C CA  . PRO B 2 3  ? -7.171  7.355   3.749   1.00 8.07  ? 78  PRO B CA  1 
ATOM   614 C C   . PRO B 2 3  ? -8.575  6.835   4.051   1.00 8.42  ? 78  PRO B C   1 
ATOM   615 O O   . PRO B 2 3  ? -9.375  7.530   4.694   1.00 9.36  ? 78  PRO B O   1 
ATOM   616 C CB  . PRO B 2 3  ? -6.301  7.331   5.014   1.00 8.19  ? 78  PRO B CB  1 
ATOM   617 C CG  . PRO B 2 3  ? -5.404  8.512   4.856   1.00 7.61  ? 78  PRO B CG  1 
ATOM   618 C CD  . PRO B 2 3  ? -6.294  9.563   4.257   1.00 7.74  ? 78  PRO B CD  1 
ATOM   619 N N   . ASN B 2 4  ? -8.850  5.615   3.599   1.00 8.95  ? 79  ASN B N   1 
ATOM   620 C CA  . ASN B 2 4  ? -10.142 4.975   3.788   1.00 8.97  ? 79  ASN B CA  1 
ATOM   621 C C   . ASN B 2 4  ? -10.024 3.872   4.839   1.00 9.03  ? 79  ASN B C   1 
ATOM   622 O O   . ASN B 2 4  ? -9.460  2.810   4.570   1.00 9.65  ? 79  ASN B O   1 
ATOM   623 C CB  . ASN B 2 4  ? -10.628 4.402   2.456   1.00 8.83  ? 79  ASN B CB  1 
ATOM   624 C CG  . ASN B 2 4  ? -11.872 3.564   2.597   1.00 8.86  ? 79  ASN B CG  1 
ATOM   625 O OD1 . ASN B 2 4  ? -12.566 3.625   3.607   1.00 8.52  ? 79  ASN B OD1 1 
ATOM   626 N ND2 . ASN B 2 4  ? -12.150 2.763   1.586   1.00 9.82  ? 79  ASN B ND2 1 
ATOM   627 N N   . VAL B 2 5  ? -10.547 4.132   6.031   1.00 9.64  ? 80  VAL B N   1 
ATOM   628 C CA  . VAL B 2 5  ? -10.430 3.167   7.124   1.00 10.28 ? 80  VAL B CA  1 
ATOM   629 C C   . VAL B 2 5  ? -11.207 1.869   6.882   1.00 10.36 ? 80  VAL B C   1 
ATOM   630 O O   . VAL B 2 5  ? -11.003 0.892   7.602   1.00 11.18 ? 80  VAL B O   1 
ATOM   631 C CB  . VAL B 2 5  ? -10.788 3.789   8.499   1.00 10.66 ? 80  VAL B CB  1 
ATOM   632 C CG1 . VAL B 2 5  ? -9.799  4.888   8.858   1.00 11.69 ? 80  VAL B CG1 1 
ATOM   633 C CG2 . VAL B 2 5  ? -12.225 4.318   8.520   1.00 10.69 ? 80  VAL B CG2 1 
ATOM   634 N N   . HIS B 2 6  ? -12.080 1.868   5.871   1.00 10.11 ? 81  HIS B N   1 
ATOM   635 C CA  . HIS B 2 6  ? -12.831 0.674   5.459   1.00 9.66  ? 81  HIS B CA  1 
ATOM   636 C C   . HIS B 2 6  ? -12.073 -0.201  4.464   1.00 9.00  ? 81  HIS B C   1 
ATOM   637 O O   . HIS B 2 6  ? -12.582 -1.244  4.043   1.00 9.34  ? 81  HIS B O   1 
ATOM   638 C CB  . HIS B 2 6  ? -14.154 1.064   4.785   1.00 10.02 ? 81  HIS B CB  1 
ATOM   639 C CG  . HIS B 2 6  ? -15.237 1.470   5.733   1.00 10.70 ? 81  HIS B CG  1 
ATOM   640 N ND1 . HIS B 2 6  ? -16.554 1.601   5.339   1.00 11.97 ? 81  HIS B ND1 1 
ATOM   641 C CD2 . HIS B 2 6  ? -15.208 1.766   7.054   1.00 12.33 ? 81  HIS B CD2 1 
ATOM   642 C CE1 . HIS B 2 6  ? -17.287 1.961   6.377   1.00 12.82 ? 81  HIS B CE1 1 
ATOM   643 N NE2 . HIS B 2 6  ? -16.495 2.071   7.429   1.00 13.41 ? 81  HIS B NE2 1 
ATOM   644 N N   . ALA B 2 7  ? -10.878 0.221   4.053   1.00 8.59  ? 82  ALA B N   1 
ATOM   645 C CA  . ALA B 2 7  ? -10.157 -0.530  3.038   1.00 8.47  ? 82  ALA B CA  1 
ATOM   646 C C   . ALA B 2 7  ? -9.898  -1.945  3.518   1.00 8.75  ? 82  ALA B C   1 
ATOM   647 O O   . ALA B 2 7  ? -9.600  -2.159  4.699   1.00 8.07  ? 82  ALA B O   1 
ATOM   648 C CB  . ALA B 2 7  ? -8.854  0.148   2.705   1.00 8.74  ? 82  ALA B CB  1 
ATOM   649 N N   . ALA B 2 8  ? -10.027 -2.905  2.603   1.00 8.57  ? 83  ALA B N   1 
ATOM   650 C CA  . ALA B 2 8  ? -9.734  -4.307  2.909   1.00 9.27  ? 83  ALA B CA  1 
ATOM   651 C C   . ALA B 2 8  ? -8.279  -4.437  3.312   1.00 9.88  ? 83  ALA B C   1 
ATOM   652 O O   . ALA B 2 8  ? -7.393  -3.880  2.655   1.00 9.28  ? 83  ALA B O   1 
ATOM   653 C CB  . ALA B 2 8  ? -10.011 -5.193  1.704   1.00 9.40  ? 83  ALA B CB  1 
ATOM   654 N N   . GLU B 2 9  ? -8.033  -5.164  4.395   1.00 11.06 ? 84  GLU B N   1 
ATOM   655 C CA  . GLU B 2 9  ? -6.683  -5.504  4.799   1.00 12.94 ? 84  GLU B CA  1 
ATOM   656 C C   . GLU B 2 9  ? -6.008  -6.307  3.691   1.00 13.59 ? 84  GLU B C   1 
ATOM   657 O O   . GLU B 2 9  ? -6.630  -7.180  3.075   1.00 13.63 ? 84  GLU B O   1 
ATOM   658 C CB  . GLU B 2 9  ? -6.732  -6.296  6.102   1.00 13.20 ? 84  GLU B CB  1 
ATOM   659 C CG  . GLU B 2 9  ? -5.393  -6.680  6.673   1.00 15.43 ? 84  GLU B CG  1 
ATOM   660 C CD  . GLU B 2 9  ? -5.480  -7.082  8.129   1.00 18.99 ? 84  GLU B CD  1 
ATOM   661 O OE1 . GLU B 2 9  ? -4.413  -7.226  8.766   1.00 20.61 ? 84  GLU B OE1 1 
ATOM   662 O OE2 . GLU B 2 9  ? -6.615  -7.255  8.635   1.00 20.66 ? 84  GLU B OE2 1 
ATOM   663 N N   . PHE B 2 10 ? -4.746  -5.990  3.415   1.00 15.59 ? 85  PHE B N   1 
ATOM   664 C CA  . PHE B 2 10 ? -3.951  -6.808  2.525   1.00 16.89 ? 85  PHE B CA  1 
ATOM   665 C C   . PHE B 2 10 ? -3.428  -7.974  3.353   1.00 18.09 ? 85  PHE B C   1 
ATOM   666 O O   . PHE B 2 10 ? -2.711  -7.783  4.341   1.00 18.58 ? 85  PHE B O   1 
ATOM   667 C CB  . PHE B 2 10 ? -2.797  -5.997  1.940   1.00 16.85 ? 85  PHE B CB  1 
ATOM   668 C CG  . PHE B 2 10 ? -1.904  -6.783  1.006   1.00 16.17 ? 85  PHE B CG  1 
ATOM   669 C CD1 . PHE B 2 10 ? -2.264  -6.977  -0.327  1.00 17.01 ? 85  PHE B CD1 1 
ATOM   670 C CD2 . PHE B 2 10 ? -0.696  -7.313  1.457   1.00 16.25 ? 85  PHE B CD2 1 
ATOM   671 C CE1 . PHE B 2 10 ? -1.442  -7.704  -1.192  1.00 16.59 ? 85  PHE B CE1 1 
ATOM   672 C CE2 . PHE B 2 10 ? 0.135   -8.029  0.598   1.00 15.16 ? 85  PHE B CE2 1 
ATOM   673 C CZ  . PHE B 2 10 ? -0.238  -8.229  -0.726  1.00 16.03 ? 85  PHE B CZ  1 
ATOM   674 N N   . VAL B 2 11 ? -3.842  -9.176  2.971   1.00 19.77 ? 86  VAL B N   1 
ATOM   675 C CA  . VAL B 2 11 ? -3.376  -10.383 3.629   1.00 21.10 ? 86  VAL B CA  1 
ATOM   676 C C   . VAL B 2 11 ? -2.161  -10.899 2.868   1.00 21.66 ? 86  VAL B C   1 
ATOM   677 O O   . VAL B 2 11 ? -2.263  -11.208 1.676   1.00 22.88 ? 86  VAL B O   1 
ATOM   678 C CB  . VAL B 2 11 ? -4.477  -11.469 3.669   1.00 21.01 ? 86  VAL B CB  1 
ATOM   679 C CG1 . VAL B 2 11 ? -3.925  -12.786 4.208   1.00 21.62 ? 86  VAL B CG1 1 
ATOM   680 C CG2 . VAL B 2 11 ? -5.654  -11.004 4.512   1.00 21.64 ? 86  VAL B CG2 1 
ATOM   681 N N   . PRO B 2 12 ? -0.997  -10.965 3.535   1.00 21.77 ? 87  PRO B N   1 
ATOM   682 C CA  . PRO B 2 12 ? 0.099   -11.649 2.862   1.00 22.19 ? 87  PRO B CA  1 
ATOM   683 C C   . PRO B 2 12 ? -0.247  -13.127 2.679   1.00 22.02 ? 87  PRO B C   1 
ATOM   684 O O   . PRO B 2 12 ? -0.594  -13.817 3.648   1.00 22.37 ? 87  PRO B O   1 
ATOM   685 C CB  . PRO B 2 12 ? 1.291   -11.452 3.809   1.00 21.82 ? 87  PRO B CB  1 
ATOM   686 C CG  . PRO B 2 12 ? 0.707   -11.087 5.126   1.00 22.35 ? 87  PRO B CG  1 
ATOM   687 C CD  . PRO B 2 12 ? -0.613  -10.434 4.856   1.00 22.08 ? 87  PRO B CD  1 
ATOM   688 N N   . SER B 2 13 ? -0.204  -13.587 1.432   1.00 22.40 ? 88  SER B N   1 
ATOM   689 C CA  . SER B 2 13 ? -0.492  -14.980 1.089   1.00 22.84 ? 88  SER B CA  1 
ATOM   690 C C   . SER B 2 13 ? 0.362   -15.411 -0.102  1.00 22.97 ? 88  SER B C   1 
ATOM   691 O O   . SER B 2 13 ? 0.226   -16.526 -0.608  1.00 22.90 ? 88  SER B O   1 
ATOM   692 C CB  . SER B 2 13 ? -1.980  -15.166 0.778   1.00 22.96 ? 88  SER B CB  1 
ATOM   693 O OG  . SER B 2 13 ? -2.392  -14.273 -0.241  1.00 23.85 ? 88  SER B OG  1 
ATOM   694 N N   . PHE B 2 14 ? 1.241   -14.511 -0.535  1.00 22.89 ? 89  PHE B N   1 
ATOM   695 C CA  . PHE B 2 14 ? 2.219   -14.800 -1.576  1.00 23.10 ? 89  PHE B CA  1 
ATOM   696 C C   . PHE B 2 14 ? 3.262   -15.754 -1.016  1.00 23.35 ? 89  PHE B C   1 
ATOM   697 O O   . PHE B 2 14 ? 3.793   -15.537 0.079   1.00 23.32 ? 89  PHE B O   1 
ATOM   698 C CB  . PHE B 2 14 ? 2.874   -13.512 -2.067  1.00 23.17 ? 89  PHE B CB  1 
ATOM   699 N N   . LEU B 2 15 ? 3.531   -16.816 -1.769  1.00 23.53 ? 90  LEU B N   1 
ATOM   700 C CA  . LEU B 2 15 ? 4.484   -17.843 -1.367  1.00 23.85 ? 90  LEU B CA  1 
ATOM   701 C C   . LEU B 2 15 ? 5.517   -18.080 -2.463  1.00 24.04 ? 90  LEU B C   1 
ATOM   702 O O   . LEU B 2 15 ? 5.192   -18.067 -3.653  1.00 24.40 ? 90  LEU B O   1 
ATOM   703 C CB  . LEU B 2 15 ? 3.760   -19.152 -1.018  1.00 23.81 ? 90  LEU B CB  1 
ATOM   704 C CG  . LEU B 2 15 ? 2.728   -19.130 0.123   1.00 24.04 ? 90  LEU B CG  1 
ATOM   705 C CD1 . LEU B 2 15 ? 1.946   -20.435 0.195   1.00 23.76 ? 90  LEU B CD1 1 
ATOM   706 C CD2 . LEU B 2 15 ? 3.370   -18.797 1.472   1.00 24.42 ? 90  LEU B CD2 1 
HETATM 707 S S   . SO4 C 3 .  ? 2.647   -0.943  14.761  1.00 12.57 ? 1   SO4 A S   1 
HETATM 708 O O1  . SO4 C 3 .  ? 1.513   -0.451  15.516  1.00 14.27 ? 1   SO4 A O1  1 
HETATM 709 O O2  . SO4 C 3 .  ? 3.562   0.142   14.452  1.00 15.47 ? 1   SO4 A O2  1 
HETATM 710 O O3  . SO4 C 3 .  ? 3.334   -1.910  15.629  1.00 18.68 ? 1   SO4 A O3  1 
HETATM 711 O O4  . SO4 C 3 .  ? 2.233   -1.605  13.560  1.00 13.74 ? 1   SO4 A O4  1 
HETATM 712 S S   . SO4 D 3 .  ? -16.188 1.400   1.379   1.00 17.08 ? 2   SO4 B S   1 
HETATM 713 O O1  . SO4 D 3 .  ? -17.079 1.579   2.518   1.00 23.06 ? 2   SO4 B O1  1 
HETATM 714 O O2  . SO4 D 3 .  ? -14.946 2.115   1.649   1.00 21.00 ? 2   SO4 B O2  1 
HETATM 715 O O3  . SO4 D 3 .  ? -15.918 -0.033  1.245   1.00 23.13 ? 2   SO4 B O3  1 
HETATM 716 O O4  . SO4 D 3 .  ? -16.854 1.877   0.166   1.00 22.24 ? 2   SO4 B O4  1 
HETATM 717 O O   . HOH E 4 .  ? -7.394  4.378   1.534   1.00 12.87 ? 2   HOH A O   1 
HETATM 718 O O   . HOH E 4 .  ? -4.973  2.937   -11.067 1.00 22.28 ? 3   HOH A O   1 
HETATM 719 O O   . HOH E 4 .  ? 9.142   -6.457  6.669   1.00 11.28 ? 4   HOH A O   1 
HETATM 720 O O   . HOH E 4 .  ? -2.810  -5.057  9.818   1.00 14.77 ? 6   HOH A O   1 
HETATM 721 O O   . HOH E 4 .  ? -2.570  5.424   -12.318 1.00 18.95 ? 8   HOH A O   1 
HETATM 722 O O   . HOH E 4 .  ? 9.931   3.117   -1.510  1.00 10.77 ? 9   HOH A O   1 
HETATM 723 O O   . HOH E 4 .  ? 10.983  -5.706  8.631   1.00 10.50 ? 10  HOH A O   1 
HETATM 724 O O   . HOH E 4 .  ? 3.676   6.136   10.534  1.00 30.52 ? 11  HOH A O   1 
HETATM 725 O O   . HOH E 4 .  ? -7.324  -2.263  -0.824  1.00 19.65 ? 12  HOH A O   1 
HETATM 726 O O   . HOH E 4 .  ? -5.638  -2.216  -10.855 1.00 23.99 ? 14  HOH A O   1 
HETATM 727 O O   . HOH E 4 .  ? 9.777   -4.522  -2.071  1.00 23.86 ? 15  HOH A O   1 
HETATM 728 O O   . HOH E 4 .  ? -3.495  10.101  14.986  1.00 22.35 ? 16  HOH A O   1 
HETATM 729 O O   . HOH E 4 .  ? 11.058  -3.824  10.842  1.00 10.62 ? 17  HOH A O   1 
HETATM 730 O O   . HOH E 4 .  ? 14.122  3.374   -4.992  1.00 21.20 ? 18  HOH A O   1 
HETATM 731 O O   . HOH E 4 .  ? 10.338  -8.468  5.163   1.00 18.81 ? 19  HOH A O   1 
HETATM 732 O O   . HOH E 4 .  ? 3.395   8.788   -10.774 1.00 31.36 ? 20  HOH A O   1 
HETATM 733 O O   . HOH E 4 .  ? -5.053  -7.618  -7.541  1.00 19.39 ? 21  HOH A O   1 
HETATM 734 O O   . HOH E 4 .  ? 4.284   -3.332  -21.200 1.00 32.87 ? 22  HOH A O   1 
HETATM 735 O O   . HOH E 4 .  ? -0.255  -6.994  9.213   1.00 25.40 ? 24  HOH A O   1 
HETATM 736 O O   . HOH E 4 .  ? -2.496  1.182   16.574  1.00 25.95 ? 25  HOH A O   1 
HETATM 737 O O   . HOH E 4 .  ? -7.466  4.823   -9.718  1.00 30.24 ? 26  HOH A O   1 
HETATM 738 O O   . HOH E 4 .  ? 1.713   9.052   11.520  1.00 19.73 ? 27  HOH A O   1 
HETATM 739 O O   . HOH E 4 .  ? 8.193   -8.599  -2.217  1.00 39.10 ? 28  HOH A O   1 
HETATM 740 O O   . HOH E 4 .  ? 6.198   11.785  6.557   1.00 35.35 ? 31  HOH A O   1 
HETATM 741 O O   . HOH E 4 .  ? 1.560   2.169   16.469  1.00 41.25 ? 32  HOH A O   1 
HETATM 742 O O   . HOH E 4 .  ? -7.497  6.792   -5.987  1.00 25.43 ? 33  HOH A O   1 
HETATM 743 O O   . HOH E 4 .  ? 4.907   -8.194  -7.597  1.00 22.05 ? 34  HOH A O   1 
HETATM 744 O O   . HOH E 4 .  ? 8.780   1.703   -14.244 1.00 24.67 ? 36  HOH A O   1 
HETATM 745 O O   . HOH E 4 .  ? -6.005  -5.334  -9.271  1.00 24.14 ? 37  HOH A O   1 
HETATM 746 O O   . HOH E 4 .  ? 4.966   5.913   -11.673 1.00 23.96 ? 38  HOH A O   1 
HETATM 747 O O   . HOH E 4 .  ? 8.390   -9.966  4.151   1.00 36.06 ? 39  HOH A O   1 
HETATM 748 O O   . HOH E 4 .  ? -9.953  -1.935  -0.471  1.00 30.61 ? 41  HOH A O   1 
HETATM 749 O O   . HOH E 4 .  ? 3.595   10.749  -0.662  1.00 25.63 ? 42  HOH A O   1 
HETATM 750 O O   . HOH E 4 .  ? -3.753  1.185   -13.696 1.00 35.65 ? 43  HOH A O   1 
HETATM 751 O O   . HOH E 4 .  ? -5.320  4.086   18.683  1.00 30.82 ? 44  HOH A O   1 
HETATM 752 O O   . HOH E 4 .  ? -7.280  -1.589  -3.661  1.00 32.39 ? 45  HOH A O   1 
HETATM 753 O O   . HOH E 4 .  ? 8.353   10.853  4.440   1.00 30.57 ? 46  HOH A O   1 
HETATM 754 O O   . HOH E 4 .  ? 8.667   0.425   -17.524 1.00 27.41 ? 48  HOH A O   1 
HETATM 755 O O   . HOH E 4 .  ? 12.538  2.435   -3.071  1.00 34.12 ? 49  HOH A O   1 
HETATM 756 O O   . HOH E 4 .  ? 11.147  -0.479  -3.418  1.00 33.29 ? 50  HOH A O   1 
HETATM 757 O O   . HOH E 4 .  ? 0.557   9.045   13.960  1.00 38.94 ? 60  HOH A O   1 
HETATM 758 O O   . HOH E 4 .  ? -5.866  -1.329  -14.798 1.00 39.79 ? 63  HOH A O   1 
HETATM 759 O O   . HOH E 4 .  ? 1.639   12.258  0.827   1.00 38.44 ? 78  HOH A O   1 
HETATM 760 O O   . HOH E 4 .  ? 6.424   -10.110 2.427   1.00 39.26 ? 79  HOH A O   1 
HETATM 761 O O   . HOH E 4 .  ? -8.524  -13.609 -15.275 1.00 30.53 ? 83  HOH A O   1 
HETATM 762 O O   . HOH E 4 .  ? -0.161  11.741  -4.386  1.00 31.73 ? 627 HOH A O   1 
HETATM 763 O O   . HOH F 4 .  ? -6.629  13.593  -2.913  1.00 26.08 ? 7   HOH B O   1 
HETATM 764 O O   . HOH F 4 .  ? -11.887 6.746   5.963   1.00 18.20 ? 13  HOH B O   1 
HETATM 765 O O   . HOH F 4 .  ? -6.360  -4.734  0.188   1.00 24.26 ? 23  HOH B O   1 
HETATM 766 O O   . HOH F 4 .  ? -5.434  -9.367  0.613   1.00 27.92 ? 29  HOH B O   1 
HETATM 767 O O   . HOH F 4 .  ? -13.076 7.831   8.357   1.00 27.33 ? 57  HOH B O   1 
HETATM 768 O O   . HOH F 4 .  ? -10.029 -6.754  5.518   1.00 22.96 ? 91  HOH B O   1 
HETATM 769 O O   . HOH F 4 .  ? -8.781  -8.630  3.735   1.00 25.49 ? 92  HOH B O   1 
# 
loop_
_pdbx_poly_seq_scheme.asym_id 
_pdbx_poly_seq_scheme.entity_id 
_pdbx_poly_seq_scheme.seq_id 
_pdbx_poly_seq_scheme.mon_id 
_pdbx_poly_seq_scheme.ndb_seq_num 
_pdbx_poly_seq_scheme.pdb_seq_num 
_pdbx_poly_seq_scheme.auth_seq_num 
_pdbx_poly_seq_scheme.pdb_mon_id 
_pdbx_poly_seq_scheme.auth_mon_id 
_pdbx_poly_seq_scheme.pdb_strand_id 
_pdbx_poly_seq_scheme.pdb_ins_code 
_pdbx_poly_seq_scheme.hetero 
A 1 1  GLY 1  539 ?   ?   ?   A . n 
A 1 2  PRO 2  540 ?   ?   ?   A . n 
A 1 3  LEU 3  541 ?   ?   ?   A . n 
A 1 4  GLY 4  542 ?   ?   ?   A . n 
A 1 5  SER 5  543 ?   ?   ?   A . n 
A 1 6  PRO 6  544 544 PRO PRO A . n 
A 1 7  LEU 7  545 545 LEU LEU A . n 
A 1 8  THR 8  546 546 THR THR A . n 
A 1 9  ALA 9  547 547 ALA ALA A . n 
A 1 10 SER 10 548 548 SER SER A . n 
A 1 11 MET 11 549 549 MET MET A . n 
A 1 12 LEU 12 550 550 LEU LEU A . n 
A 1 13 ALA 13 551 551 ALA ALA A . n 
A 1 14 SER 14 552 552 SER SER A . n 
A 1 15 ALA 15 553 553 ALA ALA A . n 
A 1 16 PRO 16 554 554 PRO PRO A . n 
A 1 17 PRO 17 555 555 PRO PRO A . n 
A 1 18 GLN 18 556 556 GLN GLN A . n 
A 1 19 GLU 19 557 557 GLU GLU A . n 
A 1 20 GLN 20 558 558 GLN GLN A . n 
A 1 21 LYS 21 559 559 LYS LYS A . n 
A 1 22 GLN 22 560 560 GLN GLN A . n 
A 1 23 MET 23 561 561 MET MET A . n 
A 1 24 LEU 24 562 562 LEU LEU A . n 
A 1 25 GLY 25 563 563 GLY GLY A . n 
A 1 26 GLU 26 564 564 GLU GLU A . n 
A 1 27 ARG 27 565 565 ARG ARG A . n 
A 1 28 LEU 28 566 566 LEU LEU A . n 
A 1 29 PHE 29 567 567 PHE PHE A . n 
A 1 30 PRO 30 568 568 PRO PRO A . n 
A 1 31 LEU 31 569 569 LEU LEU A . n 
A 1 32 ILE 32 570 570 ILE ILE A . n 
A 1 33 GLN 33 571 571 GLN GLN A . n 
A 1 34 ALA 34 572 572 ALA ALA A . n 
A 1 35 MET 35 573 573 MET MET A . n 
A 1 36 HIS 36 574 574 HIS HIS A . n 
A 1 37 PRO 37 575 575 PRO PRO A . n 
A 1 38 THR 38 576 576 THR THR A . n 
A 1 39 LEU 39 577 577 LEU LEU A . n 
A 1 40 ALA 40 578 578 ALA ALA A . n 
A 1 41 GLY 41 579 579 GLY GLY A . n 
A 1 42 LYS 42 580 580 LYS LYS A . n 
A 1 43 ILE 43 581 581 ILE ILE A . n 
A 1 44 THR 44 582 582 THR THR A . n 
A 1 45 GLY 45 583 583 GLY GLY A . n 
A 1 46 MET 46 584 584 MET MET A . n 
A 1 47 LEU 47 585 585 LEU LEU A . n 
A 1 48 LEU 48 586 586 LEU LEU A . n 
A 1 49 GLU 49 587 587 GLU GLU A . n 
A 1 50 ILE 50 588 588 ILE ILE A . n 
A 1 51 ASP 51 589 589 ASP ASP A . n 
A 1 52 ASN 52 590 590 ASN ASN A . n 
A 1 53 SER 53 591 591 SER SER A . n 
A 1 54 GLU 54 592 592 GLU GLU A . n 
A 1 55 LEU 55 593 593 LEU LEU A . n 
A 1 56 LEU 56 594 594 LEU LEU A . n 
A 1 57 HIS 57 595 595 HIS HIS A . n 
A 1 58 MET 58 596 596 MET MET A . n 
A 1 59 LEU 59 597 597 LEU LEU A . n 
A 1 60 GLU 60 598 598 GLU GLU A . n 
A 1 61 SER 61 599 599 SER SER A . n 
A 1 62 PRO 62 600 600 PRO PRO A . n 
A 1 63 GLU 63 601 601 GLU GLU A . n 
A 1 64 SER 64 602 602 SER SER A . n 
A 1 65 LEU 65 603 603 LEU LEU A . n 
A 1 66 ARG 66 604 604 ARG ARG A . n 
A 1 67 SER 67 605 605 SER SER A . n 
A 1 68 LYS 68 606 606 LYS LYS A . n 
A 1 69 VAL 69 607 607 VAL VAL A . n 
A 1 70 ASP 70 608 608 ASP ASP A . n 
A 1 71 GLU 71 609 609 GLU GLU A . n 
A 1 72 ALA 72 610 610 ALA ALA A . n 
A 1 73 VAL 73 611 611 VAL VAL A . n 
A 1 74 ALA 74 612 612 ALA ALA A . n 
A 1 75 VAL 75 613 613 VAL VAL A . n 
A 1 76 LEU 76 614 614 LEU LEU A . n 
A 1 77 GLN 77 615 615 GLN GLN A . n 
A 1 78 ALA 78 616 616 ALA ALA A . n 
A 1 79 HIS 79 617 617 HIS HIS A . n 
A 1 80 GLN 80 618 618 GLN GLN A . n 
A 1 81 ALA 81 619 619 ALA ALA A . n 
A 1 82 LYS 82 620 620 LYS LYS A . n 
A 1 83 GLU 83 621 ?   ?   ?   A . n 
A 1 84 ALA 84 622 ?   ?   ?   A . n 
A 1 85 ALA 85 623 ?   ?   ?   A . n 
A 1 86 GLN 86 624 ?   ?   ?   A . n 
A 1 87 LYS 87 625 ?   ?   ?   A . n 
A 1 88 ALA 88 626 ?   ?   ?   A . n 
B 2 1  PHE 1  76  76  PHE PHE B . n 
B 2 2  VAL 2  77  77  VAL VAL B . n 
B 2 3  PRO 3  78  78  PRO PRO B . n 
B 2 4  ASN 4  79  79  ASN ASN B . n 
B 2 5  VAL 5  80  80  VAL VAL B . n 
B 2 6  HIS 6  81  81  HIS HIS B . n 
B 2 7  ALA 7  82  82  ALA ALA B . n 
B 2 8  ALA 8  83  83  ALA ALA B . n 
B 2 9  GLU 9  84  84  GLU GLU B . n 
B 2 10 PHE 10 85  85  PHE PHE B . n 
B 2 11 VAL 11 86  86  VAL VAL B . n 
B 2 12 PRO 12 87  87  PRO PRO B . n 
B 2 13 SER 13 88  88  SER SER B . n 
B 2 14 PHE 14 89  89  PHE ALA B . n 
B 2 15 LEU 15 90  90  LEU LEU B . n 
# 
loop_
_pdbx_nonpoly_scheme.asym_id 
_pdbx_nonpoly_scheme.entity_id 
_pdbx_nonpoly_scheme.mon_id 
_pdbx_nonpoly_scheme.ndb_seq_num 
_pdbx_nonpoly_scheme.pdb_seq_num 
_pdbx_nonpoly_scheme.auth_seq_num 
_pdbx_nonpoly_scheme.pdb_mon_id 
_pdbx_nonpoly_scheme.auth_mon_id 
_pdbx_nonpoly_scheme.pdb_strand_id 
_pdbx_nonpoly_scheme.pdb_ins_code 
C 3 SO4 1  1   1  SO4 SO4 A . 
D 3 SO4 1  2   2  SO4 SO4 B . 
E 4 HOH 1  2   2  HOH HOH A . 
E 4 HOH 2  3   3  HOH HOH A . 
E 4 HOH 3  4   4  HOH HOH A . 
E 4 HOH 4  6   6  HOH HOH A . 
E 4 HOH 5  8   8  HOH HOH A . 
E 4 HOH 6  9   9  HOH HOH A . 
E 4 HOH 7  10  10 HOH HOH A . 
E 4 HOH 8  11  11 HOH HOH A . 
E 4 HOH 9  12  12 HOH HOH A . 
E 4 HOH 10 14  14 HOH HOH A . 
E 4 HOH 11 15  15 HOH HOH A . 
E 4 HOH 12 16  16 HOH HOH A . 
E 4 HOH 13 17  17 HOH HOH A . 
E 4 HOH 14 18  18 HOH HOH A . 
E 4 HOH 15 19  19 HOH HOH A . 
E 4 HOH 16 20  20 HOH HOH A . 
E 4 HOH 17 21  21 HOH HOH A . 
E 4 HOH 18 22  22 HOH HOH A . 
E 4 HOH 19 24  24 HOH HOH A . 
E 4 HOH 20 25  25 HOH HOH A . 
E 4 HOH 21 26  26 HOH HOH A . 
E 4 HOH 22 27  27 HOH HOH A . 
E 4 HOH 23 28  28 HOH HOH A . 
E 4 HOH 24 31  31 HOH HOH A . 
E 4 HOH 25 32  32 HOH HOH A . 
E 4 HOH 26 33  33 HOH HOH A . 
E 4 HOH 27 34  34 HOH HOH A . 
E 4 HOH 28 36  36 HOH HOH A . 
E 4 HOH 29 37  37 HOH HOH A . 
E 4 HOH 30 38  38 HOH HOH A . 
E 4 HOH 31 39  39 HOH HOH A . 
E 4 HOH 32 41  41 HOH HOH A . 
E 4 HOH 33 42  42 HOH HOH A . 
E 4 HOH 34 43  43 HOH HOH A . 
E 4 HOH 35 44  44 HOH HOH A . 
E 4 HOH 36 45  45 HOH HOH A . 
E 4 HOH 37 46  46 HOH HOH A . 
E 4 HOH 38 48  48 HOH HOH A . 
E 4 HOH 39 49  49 HOH HOH A . 
E 4 HOH 40 50  50 HOH HOH A . 
E 4 HOH 41 60  60 HOH HOH A . 
E 4 HOH 42 63  63 HOH HOH A . 
E 4 HOH 43 78  78 HOH HOH A . 
E 4 HOH 44 79  79 HOH HOH A . 
E 4 HOH 45 83  83 HOH HOH A . 
E 4 HOH 46 627 1  HOH HOH A . 
F 4 HOH 1  7   7  HOH HOH B . 
F 4 HOH 2  13  13 HOH HOH B . 
F 4 HOH 3  23  23 HOH HOH B . 
F 4 HOH 4  29  29 HOH HOH B . 
F 4 HOH 5  57  57 HOH HOH B . 
F 4 HOH 6  91  80 HOH HOH B . 
F 4 HOH 7  92  82 HOH HOH B . 
# 
_pdbx_struct_assembly.id                   1 
_pdbx_struct_assembly.details              author_and_software_defined_assembly 
_pdbx_struct_assembly.method_details       PISA 
_pdbx_struct_assembly.oligomeric_details   dimeric 
_pdbx_struct_assembly.oligomeric_count     2 
# 
_pdbx_struct_assembly_gen.assembly_id       1 
_pdbx_struct_assembly_gen.oper_expression   1 
_pdbx_struct_assembly_gen.asym_id_list      A,B,C,D,E,F 
# 
loop_
_pdbx_struct_assembly_prop.biol_id 
_pdbx_struct_assembly_prop.type 
_pdbx_struct_assembly_prop.value 
_pdbx_struct_assembly_prop.details 
1 'ABSA (A^2)' 1630 ? 
1 MORE         -35  ? 
1 'SSA (A^2)'  5690 ? 
# 
_pdbx_struct_oper_list.id                   1 
_pdbx_struct_oper_list.type                 'identity operation' 
_pdbx_struct_oper_list.name                 1_555 
_pdbx_struct_oper_list.symmetry_operation   x,y,z 
_pdbx_struct_oper_list.matrix[1][1]         1.0000000000 
_pdbx_struct_oper_list.matrix[1][2]         0.0000000000 
_pdbx_struct_oper_list.matrix[1][3]         0.0000000000 
_pdbx_struct_oper_list.vector[1]            0.0000000000 
_pdbx_struct_oper_list.matrix[2][1]         0.0000000000 
_pdbx_struct_oper_list.matrix[2][2]         1.0000000000 
_pdbx_struct_oper_list.matrix[2][3]         0.0000000000 
_pdbx_struct_oper_list.vector[2]            0.0000000000 
_pdbx_struct_oper_list.matrix[3][1]         0.0000000000 
_pdbx_struct_oper_list.matrix[3][2]         0.0000000000 
_pdbx_struct_oper_list.matrix[3][3]         1.0000000000 
_pdbx_struct_oper_list.vector[3]            0.0000000000 
# 
loop_
_pdbx_audit_revision_history.ordinal 
_pdbx_audit_revision_history.data_content_type 
_pdbx_audit_revision_history.major_revision 
_pdbx_audit_revision_history.minor_revision 
_pdbx_audit_revision_history.revision_date 
1 'Structure model' 1 0 2010-05-12 
2 'Structure model' 1 1 2011-07-13 
3 'Structure model' 1 2 2023-09-06 
# 
_pdbx_audit_revision_details.ordinal             1 
_pdbx_audit_revision_details.revision_ordinal    1 
_pdbx_audit_revision_details.data_content_type   'Structure model' 
_pdbx_audit_revision_details.provider            repository 
_pdbx_audit_revision_details.type                'Initial release' 
_pdbx_audit_revision_details.description         ? 
_pdbx_audit_revision_details.details             ? 
# 
loop_
_pdbx_audit_revision_group.ordinal 
_pdbx_audit_revision_group.revision_ordinal 
_pdbx_audit_revision_group.data_content_type 
_pdbx_audit_revision_group.group 
1 2 'Structure model' Advisory                    
2 2 'Structure model' 'Version format compliance' 
3 3 'Structure model' 'Data collection'           
4 3 'Structure model' 'Database references'       
5 3 'Structure model' 'Derived calculations'      
6 3 'Structure model' 'Refinement description'    
# 
loop_
_pdbx_audit_revision_category.ordinal 
_pdbx_audit_revision_category.revision_ordinal 
_pdbx_audit_revision_category.data_content_type 
_pdbx_audit_revision_category.category 
1 3 'Structure model' chem_comp_atom                
2 3 'Structure model' chem_comp_bond                
3 3 'Structure model' database_2                    
4 3 'Structure model' pdbx_initial_refinement_model 
5 3 'Structure model' struct_ref_seq_dif            
6 3 'Structure model' struct_site                   
# 
loop_
_pdbx_audit_revision_item.ordinal 
_pdbx_audit_revision_item.revision_ordinal 
_pdbx_audit_revision_item.data_content_type 
_pdbx_audit_revision_item.item 
1 3 'Structure model' '_database_2.pdbx_DOI'                
2 3 'Structure model' '_database_2.pdbx_database_accession' 
3 3 'Structure model' '_struct_ref_seq_dif.details'         
4 3 'Structure model' '_struct_site.pdbx_auth_asym_id'      
5 3 'Structure model' '_struct_site.pdbx_auth_comp_id'      
6 3 'Structure model' '_struct_site.pdbx_auth_seq_id'       
# 
loop_
_pdbx_refine_tls.pdbx_refine_id 
_pdbx_refine_tls.id 
_pdbx_refine_tls.details 
_pdbx_refine_tls.method 
_pdbx_refine_tls.origin_x 
_pdbx_refine_tls.origin_y 
_pdbx_refine_tls.origin_z 
_pdbx_refine_tls.T[1][1] 
_pdbx_refine_tls.T[2][2] 
_pdbx_refine_tls.T[3][3] 
_pdbx_refine_tls.T[1][2] 
_pdbx_refine_tls.T[1][3] 
_pdbx_refine_tls.T[2][3] 
_pdbx_refine_tls.L[1][1] 
_pdbx_refine_tls.L[2][2] 
_pdbx_refine_tls.L[3][3] 
_pdbx_refine_tls.L[1][2] 
_pdbx_refine_tls.L[1][3] 
_pdbx_refine_tls.L[2][3] 
_pdbx_refine_tls.S[1][1] 
_pdbx_refine_tls.S[1][2] 
_pdbx_refine_tls.S[1][3] 
_pdbx_refine_tls.S[2][1] 
_pdbx_refine_tls.S[2][2] 
_pdbx_refine_tls.S[2][3] 
_pdbx_refine_tls.S[3][1] 
_pdbx_refine_tls.S[3][2] 
_pdbx_refine_tls.S[3][3] 
'X-RAY DIFFRACTION' 1 ? refined 2.2398  -5.0107  -14.5720 0.0653  -0.0332 -0.0423 0.0465  -0.0372 -0.0391 17.4656 9.4842  8.9107  7.9980   1.8690  1.9641  -0.1324 -0.2507 0.1085  -0.2966 -0.0041 0.1123  -0.4342 -0.1177 0.1367  
'X-RAY DIFFRACTION' 2 ? refined 0.8780  -5.9787  -6.5034  0.0558  0.0308  0.0249  0.0262  -0.0287 -0.0456 4.9297  2.4022  6.9804  1.2143   2.6967  0.4418  0.0095  0.2125  -0.1840 -0.1170 -0.1493 -0.0710 0.0549  -0.1457 0.1398  
'X-RAY DIFFRACTION' 3 ? refined 1.1635  0.4589   1.5084   0.0227  0.0313  0.0354  -0.0002 -0.0073 0.0008  1.0506  0.7399  2.1673  -0.4099  0.7625  -0.7041 0.0303  -0.0315 -0.0660 -0.0081 0.0130  0.0535  0.0050  -0.0124 -0.0433 
'X-RAY DIFFRACTION' 4 ? refined 0.4308  6.5654   6.7140   0.0456  0.0178  0.0356  0.0067  -0.0022 0.0069  7.5032  1.4460  7.1224  -0.9076  -5.1640 1.3188  -0.0515 -0.1957 -0.0707 0.1759  -0.0105 0.0366  0.0533  0.0165  0.0620  
'X-RAY DIFFRACTION' 5 ? refined -8.5594 3.6589   3.3705   -0.0022 0.0424  0.0506  -0.0059 0.0065  0.0140  1.6711  21.4831 1.2846  1.2091   0.8238  0.2923  0.0162  -0.0531 -0.2262 0.1661  -0.0123 -0.0548 -0.0199 -0.0615 -0.0040 
'X-RAY DIFFRACTION' 6 ? refined -0.2541 -12.5191 1.2189   0.0943  -0.0795 -0.0016 -0.0034 -0.0335 -0.0202 9.0736  74.8559 12.5270 -22.5771 -7.2561 6.8472  -0.5284 -0.2061 0.3284  -0.9776 0.6251  -0.3721 1.2640  0.4856  -0.0968  
# 
loop_
_pdbx_refine_tls_group.pdbx_refine_id 
_pdbx_refine_tls_group.id 
_pdbx_refine_tls_group.refine_tls_id 
_pdbx_refine_tls_group.beg_auth_asym_id 
_pdbx_refine_tls_group.beg_auth_seq_id 
_pdbx_refine_tls_group.beg_label_asym_id 
_pdbx_refine_tls_group.beg_label_seq_id 
_pdbx_refine_tls_group.end_auth_asym_id 
_pdbx_refine_tls_group.end_auth_seq_id 
_pdbx_refine_tls_group.end_label_asym_id 
_pdbx_refine_tls_group.end_label_seq_id 
_pdbx_refine_tls_group.selection 
_pdbx_refine_tls_group.selection_details 
'X-RAY DIFFRACTION' 1 1 A 544 ? ? A 556 ? ? ? ? 
'X-RAY DIFFRACTION' 2 2 A 557 ? ? A 566 ? ? ? ? 
'X-RAY DIFFRACTION' 3 3 A 567 ? ? A 596 ? ? ? ? 
'X-RAY DIFFRACTION' 4 4 A 597 ? ? A 620 ? ? ? ? 
'X-RAY DIFFRACTION' 5 5 B 76  ? ? B 84  ? ? ? ? 
'X-RAY DIFFRACTION' 6 6 B 85  ? ? B 90  ? ? ? ? 
# 
loop_
_software.name 
_software.classification 
_software.version 
_software.citation_id 
_software.pdbx_ordinal 
ADSC     'data collection' Quantum  ? 1 
PHASER   phasing           .        ? 2 
REFMAC   refinement        5.2.0019 ? 3 
HKL-2000 'data reduction'  .        ? 4 
HKL-2000 'data scaling'    .        ? 5 
# 
loop_
_pdbx_unobs_or_zero_occ_atoms.id 
_pdbx_unobs_or_zero_occ_atoms.PDB_model_num 
_pdbx_unobs_or_zero_occ_atoms.polymer_flag 
_pdbx_unobs_or_zero_occ_atoms.occupancy_flag 
_pdbx_unobs_or_zero_occ_atoms.auth_asym_id 
_pdbx_unobs_or_zero_occ_atoms.auth_comp_id 
_pdbx_unobs_or_zero_occ_atoms.auth_seq_id 
_pdbx_unobs_or_zero_occ_atoms.PDB_ins_code 
_pdbx_unobs_or_zero_occ_atoms.auth_atom_id 
_pdbx_unobs_or_zero_occ_atoms.label_alt_id 
_pdbx_unobs_or_zero_occ_atoms.label_asym_id 
_pdbx_unobs_or_zero_occ_atoms.label_comp_id 
_pdbx_unobs_or_zero_occ_atoms.label_seq_id 
_pdbx_unobs_or_zero_occ_atoms.label_atom_id 
1 1 Y 1 B PHE 89 ? CG  ? B PHE 14 CG  
2 1 Y 1 B PHE 89 ? CD1 ? B PHE 14 CD1 
3 1 Y 1 B PHE 89 ? CD2 ? B PHE 14 CD2 
4 1 Y 1 B PHE 89 ? CE1 ? B PHE 14 CE1 
5 1 Y 1 B PHE 89 ? CE2 ? B PHE 14 CE2 
6 1 Y 1 B PHE 89 ? CZ  ? B PHE 14 CZ  
# 
loop_
_pdbx_unobs_or_zero_occ_residues.id 
_pdbx_unobs_or_zero_occ_residues.PDB_model_num 
_pdbx_unobs_or_zero_occ_residues.polymer_flag 
_pdbx_unobs_or_zero_occ_residues.occupancy_flag 
_pdbx_unobs_or_zero_occ_residues.auth_asym_id 
_pdbx_unobs_or_zero_occ_residues.auth_comp_id 
_pdbx_unobs_or_zero_occ_residues.auth_seq_id 
_pdbx_unobs_or_zero_occ_residues.PDB_ins_code 
_pdbx_unobs_or_zero_occ_residues.label_asym_id 
_pdbx_unobs_or_zero_occ_residues.label_comp_id 
_pdbx_unobs_or_zero_occ_residues.label_seq_id 
1  1 Y 1 A GLY 539 ? A GLY 1  
2  1 Y 1 A PRO 540 ? A PRO 2  
3  1 Y 1 A LEU 541 ? A LEU 3  
4  1 Y 1 A GLY 542 ? A GLY 4  
5  1 Y 1 A SER 543 ? A SER 5  
6  1 Y 1 A GLU 621 ? A GLU 83 
7  1 Y 1 A ALA 622 ? A ALA 84 
8  1 Y 1 A ALA 623 ? A ALA 85 
9  1 Y 1 A GLN 624 ? A GLN 86 
10 1 Y 1 A LYS 625 ? A LYS 87 
11 1 Y 1 A ALA 626 ? A ALA 88 
# 
loop_
_chem_comp_atom.comp_id 
_chem_comp_atom.atom_id 
_chem_comp_atom.type_symbol 
_chem_comp_atom.pdbx_aromatic_flag 
_chem_comp_atom.pdbx_stereo_config 
_chem_comp_atom.pdbx_ordinal 
ALA N    N N N 1   
ALA CA   C N S 2   
ALA C    C N N 3   
ALA O    O N N 4   
ALA CB   C N N 5   
ALA OXT  O N N 6   
ALA H    H N N 7   
ALA H2   H N N 8   
ALA HA   H N N 9   
ALA HB1  H N N 10  
ALA HB2  H N N 11  
ALA HB3  H N N 12  
ALA HXT  H N N 13  
ARG N    N N N 14  
ARG CA   C N S 15  
ARG C    C N N 16  
ARG O    O N N 17  
ARG CB   C N N 18  
ARG CG   C N N 19  
ARG CD   C N N 20  
ARG NE   N N N 21  
ARG CZ   C N N 22  
ARG NH1  N N N 23  
ARG NH2  N N N 24  
ARG OXT  O N N 25  
ARG H    H N N 26  
ARG H2   H N N 27  
ARG HA   H N N 28  
ARG HB2  H N N 29  
ARG HB3  H N N 30  
ARG HG2  H N N 31  
ARG HG3  H N N 32  
ARG HD2  H N N 33  
ARG HD3  H N N 34  
ARG HE   H N N 35  
ARG HH11 H N N 36  
ARG HH12 H N N 37  
ARG HH21 H N N 38  
ARG HH22 H N N 39  
ARG HXT  H N N 40  
ASN N    N N N 41  
ASN CA   C N S 42  
ASN C    C N N 43  
ASN O    O N N 44  
ASN CB   C N N 45  
ASN CG   C N N 46  
ASN OD1  O N N 47  
ASN ND2  N N N 48  
ASN OXT  O N N 49  
ASN H    H N N 50  
ASN H2   H N N 51  
ASN HA   H N N 52  
ASN HB2  H N N 53  
ASN HB3  H N N 54  
ASN HD21 H N N 55  
ASN HD22 H N N 56  
ASN HXT  H N N 57  
ASP N    N N N 58  
ASP CA   C N S 59  
ASP C    C N N 60  
ASP O    O N N 61  
ASP CB   C N N 62  
ASP CG   C N N 63  
ASP OD1  O N N 64  
ASP OD2  O N N 65  
ASP OXT  O N N 66  
ASP H    H N N 67  
ASP H2   H N N 68  
ASP HA   H N N 69  
ASP HB2  H N N 70  
ASP HB3  H N N 71  
ASP HD2  H N N 72  
ASP HXT  H N N 73  
GLN N    N N N 74  
GLN CA   C N S 75  
GLN C    C N N 76  
GLN O    O N N 77  
GLN CB   C N N 78  
GLN CG   C N N 79  
GLN CD   C N N 80  
GLN OE1  O N N 81  
GLN NE2  N N N 82  
GLN OXT  O N N 83  
GLN H    H N N 84  
GLN H2   H N N 85  
GLN HA   H N N 86  
GLN HB2  H N N 87  
GLN HB3  H N N 88  
GLN HG2  H N N 89  
GLN HG3  H N N 90  
GLN HE21 H N N 91  
GLN HE22 H N N 92  
GLN HXT  H N N 93  
GLU N    N N N 94  
GLU CA   C N S 95  
GLU C    C N N 96  
GLU O    O N N 97  
GLU CB   C N N 98  
GLU CG   C N N 99  
GLU CD   C N N 100 
GLU OE1  O N N 101 
GLU OE2  O N N 102 
GLU OXT  O N N 103 
GLU H    H N N 104 
GLU H2   H N N 105 
GLU HA   H N N 106 
GLU HB2  H N N 107 
GLU HB3  H N N 108 
GLU HG2  H N N 109 
GLU HG3  H N N 110 
GLU HE2  H N N 111 
GLU HXT  H N N 112 
GLY N    N N N 113 
GLY CA   C N N 114 
GLY C    C N N 115 
GLY O    O N N 116 
GLY OXT  O N N 117 
GLY H    H N N 118 
GLY H2   H N N 119 
GLY HA2  H N N 120 
GLY HA3  H N N 121 
GLY HXT  H N N 122 
HIS N    N N N 123 
HIS CA   C N S 124 
HIS C    C N N 125 
HIS O    O N N 126 
HIS CB   C N N 127 
HIS CG   C Y N 128 
HIS ND1  N Y N 129 
HIS CD2  C Y N 130 
HIS CE1  C Y N 131 
HIS NE2  N Y N 132 
HIS OXT  O N N 133 
HIS H    H N N 134 
HIS H2   H N N 135 
HIS HA   H N N 136 
HIS HB2  H N N 137 
HIS HB3  H N N 138 
HIS HD1  H N N 139 
HIS HD2  H N N 140 
HIS HE1  H N N 141 
HIS HE2  H N N 142 
HIS HXT  H N N 143 
HOH O    O N N 144 
HOH H1   H N N 145 
HOH H2   H N N 146 
ILE N    N N N 147 
ILE CA   C N S 148 
ILE C    C N N 149 
ILE O    O N N 150 
ILE CB   C N S 151 
ILE CG1  C N N 152 
ILE CG2  C N N 153 
ILE CD1  C N N 154 
ILE OXT  O N N 155 
ILE H    H N N 156 
ILE H2   H N N 157 
ILE HA   H N N 158 
ILE HB   H N N 159 
ILE HG12 H N N 160 
ILE HG13 H N N 161 
ILE HG21 H N N 162 
ILE HG22 H N N 163 
ILE HG23 H N N 164 
ILE HD11 H N N 165 
ILE HD12 H N N 166 
ILE HD13 H N N 167 
ILE HXT  H N N 168 
LEU N    N N N 169 
LEU CA   C N S 170 
LEU C    C N N 171 
LEU O    O N N 172 
LEU CB   C N N 173 
LEU CG   C N N 174 
LEU CD1  C N N 175 
LEU CD2  C N N 176 
LEU OXT  O N N 177 
LEU H    H N N 178 
LEU H2   H N N 179 
LEU HA   H N N 180 
LEU HB2  H N N 181 
LEU HB3  H N N 182 
LEU HG   H N N 183 
LEU HD11 H N N 184 
LEU HD12 H N N 185 
LEU HD13 H N N 186 
LEU HD21 H N N 187 
LEU HD22 H N N 188 
LEU HD23 H N N 189 
LEU HXT  H N N 190 
LYS N    N N N 191 
LYS CA   C N S 192 
LYS C    C N N 193 
LYS O    O N N 194 
LYS CB   C N N 195 
LYS CG   C N N 196 
LYS CD   C N N 197 
LYS CE   C N N 198 
LYS NZ   N N N 199 
LYS OXT  O N N 200 
LYS H    H N N 201 
LYS H2   H N N 202 
LYS HA   H N N 203 
LYS HB2  H N N 204 
LYS HB3  H N N 205 
LYS HG2  H N N 206 
LYS HG3  H N N 207 
LYS HD2  H N N 208 
LYS HD3  H N N 209 
LYS HE2  H N N 210 
LYS HE3  H N N 211 
LYS HZ1  H N N 212 
LYS HZ2  H N N 213 
LYS HZ3  H N N 214 
LYS HXT  H N N 215 
MET N    N N N 216 
MET CA   C N S 217 
MET C    C N N 218 
MET O    O N N 219 
MET CB   C N N 220 
MET CG   C N N 221 
MET SD   S N N 222 
MET CE   C N N 223 
MET OXT  O N N 224 
MET H    H N N 225 
MET H2   H N N 226 
MET HA   H N N 227 
MET HB2  H N N 228 
MET HB3  H N N 229 
MET HG2  H N N 230 
MET HG3  H N N 231 
MET HE1  H N N 232 
MET HE2  H N N 233 
MET HE3  H N N 234 
MET HXT  H N N 235 
PHE N    N N N 236 
PHE CA   C N S 237 
PHE C    C N N 238 
PHE O    O N N 239 
PHE CB   C N N 240 
PHE CG   C Y N 241 
PHE CD1  C Y N 242 
PHE CD2  C Y N 243 
PHE CE1  C Y N 244 
PHE CE2  C Y N 245 
PHE CZ   C Y N 246 
PHE OXT  O N N 247 
PHE H    H N N 248 
PHE H2   H N N 249 
PHE HA   H N N 250 
PHE HB2  H N N 251 
PHE HB3  H N N 252 
PHE HD1  H N N 253 
PHE HD2  H N N 254 
PHE HE1  H N N 255 
PHE HE2  H N N 256 
PHE HZ   H N N 257 
PHE HXT  H N N 258 
PRO N    N N N 259 
PRO CA   C N S 260 
PRO C    C N N 261 
PRO O    O N N 262 
PRO CB   C N N 263 
PRO CG   C N N 264 
PRO CD   C N N 265 
PRO OXT  O N N 266 
PRO H    H N N 267 
PRO HA   H N N 268 
PRO HB2  H N N 269 
PRO HB3  H N N 270 
PRO HG2  H N N 271 
PRO HG3  H N N 272 
PRO HD2  H N N 273 
PRO HD3  H N N 274 
PRO HXT  H N N 275 
SER N    N N N 276 
SER CA   C N S 277 
SER C    C N N 278 
SER O    O N N 279 
SER CB   C N N 280 
SER OG   O N N 281 
SER OXT  O N N 282 
SER H    H N N 283 
SER H2   H N N 284 
SER HA   H N N 285 
SER HB2  H N N 286 
SER HB3  H N N 287 
SER HG   H N N 288 
SER HXT  H N N 289 
SO4 S    S N N 290 
SO4 O1   O N N 291 
SO4 O2   O N N 292 
SO4 O3   O N N 293 
SO4 O4   O N N 294 
THR N    N N N 295 
THR CA   C N S 296 
THR C    C N N 297 
THR O    O N N 298 
THR CB   C N R 299 
THR OG1  O N N 300 
THR CG2  C N N 301 
THR OXT  O N N 302 
THR H    H N N 303 
THR H2   H N N 304 
THR HA   H N N 305 
THR HB   H N N 306 
THR HG1  H N N 307 
THR HG21 H N N 308 
THR HG22 H N N 309 
THR HG23 H N N 310 
THR HXT  H N N 311 
VAL N    N N N 312 
VAL CA   C N S 313 
VAL C    C N N 314 
VAL O    O N N 315 
VAL CB   C N N 316 
VAL CG1  C N N 317 
VAL CG2  C N N 318 
VAL OXT  O N N 319 
VAL H    H N N 320 
VAL H2   H N N 321 
VAL HA   H N N 322 
VAL HB   H N N 323 
VAL HG11 H N N 324 
VAL HG12 H N N 325 
VAL HG13 H N N 326 
VAL HG21 H N N 327 
VAL HG22 H N N 328 
VAL HG23 H N N 329 
VAL HXT  H N N 330 
# 
loop_
_chem_comp_bond.comp_id 
_chem_comp_bond.atom_id_1 
_chem_comp_bond.atom_id_2 
_chem_comp_bond.value_order 
_chem_comp_bond.pdbx_aromatic_flag 
_chem_comp_bond.pdbx_stereo_config 
_chem_comp_bond.pdbx_ordinal 
ALA N   CA   sing N N 1   
ALA N   H    sing N N 2   
ALA N   H2   sing N N 3   
ALA CA  C    sing N N 4   
ALA CA  CB   sing N N 5   
ALA CA  HA   sing N N 6   
ALA C   O    doub N N 7   
ALA C   OXT  sing N N 8   
ALA CB  HB1  sing N N 9   
ALA CB  HB2  sing N N 10  
ALA CB  HB3  sing N N 11  
ALA OXT HXT  sing N N 12  
ARG N   CA   sing N N 13  
ARG N   H    sing N N 14  
ARG N   H2   sing N N 15  
ARG CA  C    sing N N 16  
ARG CA  CB   sing N N 17  
ARG CA  HA   sing N N 18  
ARG C   O    doub N N 19  
ARG C   OXT  sing N N 20  
ARG CB  CG   sing N N 21  
ARG CB  HB2  sing N N 22  
ARG CB  HB3  sing N N 23  
ARG CG  CD   sing N N 24  
ARG CG  HG2  sing N N 25  
ARG CG  HG3  sing N N 26  
ARG CD  NE   sing N N 27  
ARG CD  HD2  sing N N 28  
ARG CD  HD3  sing N N 29  
ARG NE  CZ   sing N N 30  
ARG NE  HE   sing N N 31  
ARG CZ  NH1  sing N N 32  
ARG CZ  NH2  doub N N 33  
ARG NH1 HH11 sing N N 34  
ARG NH1 HH12 sing N N 35  
ARG NH2 HH21 sing N N 36  
ARG NH2 HH22 sing N N 37  
ARG OXT HXT  sing N N 38  
ASN N   CA   sing N N 39  
ASN N   H    sing N N 40  
ASN N   H2   sing N N 41  
ASN CA  C    sing N N 42  
ASN CA  CB   sing N N 43  
ASN CA  HA   sing N N 44  
ASN C   O    doub N N 45  
ASN C   OXT  sing N N 46  
ASN CB  CG   sing N N 47  
ASN CB  HB2  sing N N 48  
ASN CB  HB3  sing N N 49  
ASN CG  OD1  doub N N 50  
ASN CG  ND2  sing N N 51  
ASN ND2 HD21 sing N N 52  
ASN ND2 HD22 sing N N 53  
ASN OXT HXT  sing N N 54  
ASP N   CA   sing N N 55  
ASP N   H    sing N N 56  
ASP N   H2   sing N N 57  
ASP CA  C    sing N N 58  
ASP CA  CB   sing N N 59  
ASP CA  HA   sing N N 60  
ASP C   O    doub N N 61  
ASP C   OXT  sing N N 62  
ASP CB  CG   sing N N 63  
ASP CB  HB2  sing N N 64  
ASP CB  HB3  sing N N 65  
ASP CG  OD1  doub N N 66  
ASP CG  OD2  sing N N 67  
ASP OD2 HD2  sing N N 68  
ASP OXT HXT  sing N N 69  
GLN N   CA   sing N N 70  
GLN N   H    sing N N 71  
GLN N   H2   sing N N 72  
GLN CA  C    sing N N 73  
GLN CA  CB   sing N N 74  
GLN CA  HA   sing N N 75  
GLN C   O    doub N N 76  
GLN C   OXT  sing N N 77  
GLN CB  CG   sing N N 78  
GLN CB  HB2  sing N N 79  
GLN CB  HB3  sing N N 80  
GLN CG  CD   sing N N 81  
GLN CG  HG2  sing N N 82  
GLN CG  HG3  sing N N 83  
GLN CD  OE1  doub N N 84  
GLN CD  NE2  sing N N 85  
GLN NE2 HE21 sing N N 86  
GLN NE2 HE22 sing N N 87  
GLN OXT HXT  sing N N 88  
GLU N   CA   sing N N 89  
GLU N   H    sing N N 90  
GLU N   H2   sing N N 91  
GLU CA  C    sing N N 92  
GLU CA  CB   sing N N 93  
GLU CA  HA   sing N N 94  
GLU C   O    doub N N 95  
GLU C   OXT  sing N N 96  
GLU CB  CG   sing N N 97  
GLU CB  HB2  sing N N 98  
GLU CB  HB3  sing N N 99  
GLU CG  CD   sing N N 100 
GLU CG  HG2  sing N N 101 
GLU CG  HG3  sing N N 102 
GLU CD  OE1  doub N N 103 
GLU CD  OE2  sing N N 104 
GLU OE2 HE2  sing N N 105 
GLU OXT HXT  sing N N 106 
GLY N   CA   sing N N 107 
GLY N   H    sing N N 108 
GLY N   H2   sing N N 109 
GLY CA  C    sing N N 110 
GLY CA  HA2  sing N N 111 
GLY CA  HA3  sing N N 112 
GLY C   O    doub N N 113 
GLY C   OXT  sing N N 114 
GLY OXT HXT  sing N N 115 
HIS N   CA   sing N N 116 
HIS N   H    sing N N 117 
HIS N   H2   sing N N 118 
HIS CA  C    sing N N 119 
HIS CA  CB   sing N N 120 
HIS CA  HA   sing N N 121 
HIS C   O    doub N N 122 
HIS C   OXT  sing N N 123 
HIS CB  CG   sing N N 124 
HIS CB  HB2  sing N N 125 
HIS CB  HB3  sing N N 126 
HIS CG  ND1  sing Y N 127 
HIS CG  CD2  doub Y N 128 
HIS ND1 CE1  doub Y N 129 
HIS ND1 HD1  sing N N 130 
HIS CD2 NE2  sing Y N 131 
HIS CD2 HD2  sing N N 132 
HIS CE1 NE2  sing Y N 133 
HIS CE1 HE1  sing N N 134 
HIS NE2 HE2  sing N N 135 
HIS OXT HXT  sing N N 136 
HOH O   H1   sing N N 137 
HOH O   H2   sing N N 138 
ILE N   CA   sing N N 139 
ILE N   H    sing N N 140 
ILE N   H2   sing N N 141 
ILE CA  C    sing N N 142 
ILE CA  CB   sing N N 143 
ILE CA  HA   sing N N 144 
ILE C   O    doub N N 145 
ILE C   OXT  sing N N 146 
ILE CB  CG1  sing N N 147 
ILE CB  CG2  sing N N 148 
ILE CB  HB   sing N N 149 
ILE CG1 CD1  sing N N 150 
ILE CG1 HG12 sing N N 151 
ILE CG1 HG13 sing N N 152 
ILE CG2 HG21 sing N N 153 
ILE CG2 HG22 sing N N 154 
ILE CG2 HG23 sing N N 155 
ILE CD1 HD11 sing N N 156 
ILE CD1 HD12 sing N N 157 
ILE CD1 HD13 sing N N 158 
ILE OXT HXT  sing N N 159 
LEU N   CA   sing N N 160 
LEU N   H    sing N N 161 
LEU N   H2   sing N N 162 
LEU CA  C    sing N N 163 
LEU CA  CB   sing N N 164 
LEU CA  HA   sing N N 165 
LEU C   O    doub N N 166 
LEU C   OXT  sing N N 167 
LEU CB  CG   sing N N 168 
LEU CB  HB2  sing N N 169 
LEU CB  HB3  sing N N 170 
LEU CG  CD1  sing N N 171 
LEU CG  CD2  sing N N 172 
LEU CG  HG   sing N N 173 
LEU CD1 HD11 sing N N 174 
LEU CD1 HD12 sing N N 175 
LEU CD1 HD13 sing N N 176 
LEU CD2 HD21 sing N N 177 
LEU CD2 HD22 sing N N 178 
LEU CD2 HD23 sing N N 179 
LEU OXT HXT  sing N N 180 
LYS N   CA   sing N N 181 
LYS N   H    sing N N 182 
LYS N   H2   sing N N 183 
LYS CA  C    sing N N 184 
LYS CA  CB   sing N N 185 
LYS CA  HA   sing N N 186 
LYS C   O    doub N N 187 
LYS C   OXT  sing N N 188 
LYS CB  CG   sing N N 189 
LYS CB  HB2  sing N N 190 
LYS CB  HB3  sing N N 191 
LYS CG  CD   sing N N 192 
LYS CG  HG2  sing N N 193 
LYS CG  HG3  sing N N 194 
LYS CD  CE   sing N N 195 
LYS CD  HD2  sing N N 196 
LYS CD  HD3  sing N N 197 
LYS CE  NZ   sing N N 198 
LYS CE  HE2  sing N N 199 
LYS CE  HE3  sing N N 200 
LYS NZ  HZ1  sing N N 201 
LYS NZ  HZ2  sing N N 202 
LYS NZ  HZ3  sing N N 203 
LYS OXT HXT  sing N N 204 
MET N   CA   sing N N 205 
MET N   H    sing N N 206 
MET N   H2   sing N N 207 
MET CA  C    sing N N 208 
MET CA  CB   sing N N 209 
MET CA  HA   sing N N 210 
MET C   O    doub N N 211 
MET C   OXT  sing N N 212 
MET CB  CG   sing N N 213 
MET CB  HB2  sing N N 214 
MET CB  HB3  sing N N 215 
MET CG  SD   sing N N 216 
MET CG  HG2  sing N N 217 
MET CG  HG3  sing N N 218 
MET SD  CE   sing N N 219 
MET CE  HE1  sing N N 220 
MET CE  HE2  sing N N 221 
MET CE  HE3  sing N N 222 
MET OXT HXT  sing N N 223 
PHE N   CA   sing N N 224 
PHE N   H    sing N N 225 
PHE N   H2   sing N N 226 
PHE CA  C    sing N N 227 
PHE CA  CB   sing N N 228 
PHE CA  HA   sing N N 229 
PHE C   O    doub N N 230 
PHE C   OXT  sing N N 231 
PHE CB  CG   sing N N 232 
PHE CB  HB2  sing N N 233 
PHE CB  HB3  sing N N 234 
PHE CG  CD1  doub Y N 235 
PHE CG  CD2  sing Y N 236 
PHE CD1 CE1  sing Y N 237 
PHE CD1 HD1  sing N N 238 
PHE CD2 CE2  doub Y N 239 
PHE CD2 HD2  sing N N 240 
PHE CE1 CZ   doub Y N 241 
PHE CE1 HE1  sing N N 242 
PHE CE2 CZ   sing Y N 243 
PHE CE2 HE2  sing N N 244 
PHE CZ  HZ   sing N N 245 
PHE OXT HXT  sing N N 246 
PRO N   CA   sing N N 247 
PRO N   CD   sing N N 248 
PRO N   H    sing N N 249 
PRO CA  C    sing N N 250 
PRO CA  CB   sing N N 251 
PRO CA  HA   sing N N 252 
PRO C   O    doub N N 253 
PRO C   OXT  sing N N 254 
PRO CB  CG   sing N N 255 
PRO CB  HB2  sing N N 256 
PRO CB  HB3  sing N N 257 
PRO CG  CD   sing N N 258 
PRO CG  HG2  sing N N 259 
PRO CG  HG3  sing N N 260 
PRO CD  HD2  sing N N 261 
PRO CD  HD3  sing N N 262 
PRO OXT HXT  sing N N 263 
SER N   CA   sing N N 264 
SER N   H    sing N N 265 
SER N   H2   sing N N 266 
SER CA  C    sing N N 267 
SER CA  CB   sing N N 268 
SER CA  HA   sing N N 269 
SER C   O    doub N N 270 
SER C   OXT  sing N N 271 
SER CB  OG   sing N N 272 
SER CB  HB2  sing N N 273 
SER CB  HB3  sing N N 274 
SER OG  HG   sing N N 275 
SER OXT HXT  sing N N 276 
SO4 S   O1   doub N N 277 
SO4 S   O2   doub N N 278 
SO4 S   O3   sing N N 279 
SO4 S   O4   sing N N 280 
THR N   CA   sing N N 281 
THR N   H    sing N N 282 
THR N   H2   sing N N 283 
THR CA  C    sing N N 284 
THR CA  CB   sing N N 285 
THR CA  HA   sing N N 286 
THR C   O    doub N N 287 
THR C   OXT  sing N N 288 
THR CB  OG1  sing N N 289 
THR CB  CG2  sing N N 290 
THR CB  HB   sing N N 291 
THR OG1 HG1  sing N N 292 
THR CG2 HG21 sing N N 293 
THR CG2 HG22 sing N N 294 
THR CG2 HG23 sing N N 295 
THR OXT HXT  sing N N 296 
VAL N   CA   sing N N 297 
VAL N   H    sing N N 298 
VAL N   H2   sing N N 299 
VAL CA  C    sing N N 300 
VAL CA  CB   sing N N 301 
VAL CA  HA   sing N N 302 
VAL C   O    doub N N 303 
VAL C   OXT  sing N N 304 
VAL CB  CG1  sing N N 305 
VAL CB  CG2  sing N N 306 
VAL CB  HB   sing N N 307 
VAL CG1 HG11 sing N N 308 
VAL CG1 HG12 sing N N 309 
VAL CG1 HG13 sing N N 310 
VAL CG2 HG21 sing N N 311 
VAL CG2 HG22 sing N N 312 
VAL CG2 HG23 sing N N 313 
VAL OXT HXT  sing N N 314 
# 
loop_
_pdbx_entity_nonpoly.entity_id 
_pdbx_entity_nonpoly.name 
_pdbx_entity_nonpoly.comp_id 
3 'SULFATE ION' SO4 
4 water         HOH 
# 
_pdbx_initial_refinement_model.id               1 
_pdbx_initial_refinement_model.entity_id_list   ? 
_pdbx_initial_refinement_model.type             'experimental model' 
_pdbx_initial_refinement_model.source_name      PDB 
_pdbx_initial_refinement_model.accession_code   1I2T 
_pdbx_initial_refinement_model.details          'pdb entry 1I2T' 
# 
